data_3BSB
#
_entry.id   3BSB
#
_cell.length_a   35.874
_cell.length_b   64.292
_cell.length_c   321.230
_cell.angle_alpha   90.00
_cell.angle_beta   90.00
_cell.angle_gamma   90.00
#
_symmetry.space_group_name_H-M   'P 21 21 21'
#
loop_
_entity.id
_entity.type
_entity.pdbx_description
1 polymer "5'-R(*UP*UP*UP*AP*AP*UP*GP*UP*U)-3'"
2 polymer 'Pumilio homolog 1'
3 water water
#
loop_
_entity_poly.entity_id
_entity_poly.type
_entity_poly.pdbx_seq_one_letter_code
_entity_poly.pdbx_strand_id
1 'polyribonucleotide' UUUAAUGUU C
2 'polypeptide(L)'
;GRSRLLEDFRNNRYPNLQLREIAGHIMEFSQDQHGSRFIQLKLERATPAERQLVFNEILQAAYQLMVDVFGNYVIQKFFE
FGSLEQKLALAERIRGHVLSLALQMYGCRVIQKALEFIPSDQQNEMVRELDGHVLKCVKDQNGNHVVQKCIECVQPQSLQ
FIIDAFKGQVFALSTHPYGCRVIQRILEHCLPDQTLPILEELHQHTEQLVQDQYGNYVIQHVLEHGRPEDKSKIVAEIRG
NVLVLSQHKFASNVVEKCVTHASRTERAVLIDEVCTMNDGPHSALYTMMKDQYANYVVQKMIDVAEPGQRKIVMHKIRPH
IATLRKYTYGKHILAKLEKYYMK
;
A,B
#
loop_
_chem_comp.id
_chem_comp.type
_chem_comp.name
_chem_comp.formula
A RNA linking ADENOSINE-5'-MONOPHOSPHATE 'C10 H14 N5 O7 P'
G RNA linking GUANOSINE-5'-MONOPHOSPHATE 'C10 H14 N5 O8 P'
U RNA linking URIDINE-5'-MONOPHOSPHATE 'C9 H13 N2 O9 P'
#
# COMPACT_ATOMS: atom_id res chain seq x y z
N ARG B 2 -17.83 -2.19 -59.65
CA ARG B 2 -19.19 -2.74 -59.65
C ARG B 2 -19.78 -2.72 -61.06
N SER B 3 -21.01 -3.22 -61.16
CA SER B 3 -21.72 -3.24 -62.43
C SER B 3 -22.66 -2.05 -62.38
N ARG B 4 -23.34 -1.77 -63.49
CA ARG B 4 -24.25 -0.64 -63.55
C ARG B 4 -25.43 -0.87 -62.59
N LEU B 5 -25.97 -2.09 -62.57
CA LEU B 5 -27.09 -2.42 -61.69
C LEU B 5 -26.82 -2.09 -60.23
N LEU B 6 -25.57 -2.26 -59.81
CA LEU B 6 -25.20 -1.97 -58.44
C LEU B 6 -25.02 -0.47 -58.29
N GLU B 7 -24.37 0.15 -59.27
CA GLU B 7 -24.14 1.60 -59.27
C GLU B 7 -25.46 2.32 -58.97
N ASP B 8 -26.43 2.12 -59.87
CA ASP B 8 -27.73 2.76 -59.72
C ASP B 8 -28.45 2.38 -58.43
N PHE B 9 -28.36 1.09 -58.04
CA PHE B 9 -28.98 0.65 -56.81
C PHE B 9 -28.27 1.38 -55.81
N ARG B 10 -27.01 1.27 -56.02
CA ARG B 10 -26.15 1.99 -55.16
C ARG B 10 -26.38 3.48 -55.23
N ASN B 11 -27.13 3.99 -56.15
CA ASN B 11 -27.32 5.41 -56.00
C ASN B 11 -28.80 5.62 -55.66
N ASN B 12 -29.38 4.54 -55.12
CA ASN B 12 -30.79 4.51 -54.77
C ASN B 12 -31.66 4.88 -55.97
N ARG B 13 -32.12 3.88 -56.70
CA ARG B 13 -32.97 4.11 -57.86
C ARG B 13 -34.05 3.04 -57.99
N TYR B 14 -33.95 2.01 -57.15
CA TYR B 14 -34.89 0.90 -57.13
C TYR B 14 -35.36 0.64 -55.70
N PRO B 15 -36.51 1.21 -55.32
CA PRO B 15 -37.06 1.04 -53.98
C PRO B 15 -37.94 -0.20 -53.87
N ASN B 16 -38.33 -0.74 -55.02
CA ASN B 16 -39.18 -1.93 -55.06
C ASN B 16 -38.33 -3.17 -55.34
N LEU B 17 -37.02 -2.97 -55.42
CA LEU B 17 -36.05 -4.04 -55.70
C LEU B 17 -36.29 -5.34 -54.91
N GLN B 18 -36.43 -6.45 -55.62
CA GLN B 18 -36.66 -7.76 -54.99
C GLN B 18 -35.41 -8.65 -55.11
N LEU B 19 -35.46 -9.84 -54.52
CA LEU B 19 -34.32 -10.76 -54.61
C LEU B 19 -34.25 -11.33 -56.02
N ARG B 20 -35.37 -11.86 -56.50
CA ARG B 20 -35.46 -12.43 -57.84
C ARG B 20 -34.83 -11.51 -58.89
N GLU B 21 -34.95 -10.20 -58.69
CA GLU B 21 -34.45 -9.20 -59.63
C GLU B 21 -32.93 -8.98 -59.68
N ILE B 22 -32.19 -9.50 -58.72
CA ILE B 22 -30.73 -9.36 -58.74
C ILE B 22 -30.02 -10.71 -58.95
N ALA B 23 -30.77 -11.68 -59.47
CA ALA B 23 -30.23 -13.01 -59.75
C ALA B 23 -29.05 -12.81 -60.69
N GLY B 24 -27.93 -13.46 -60.41
CA GLY B 24 -26.76 -13.29 -61.26
C GLY B 24 -25.86 -12.16 -60.77
N HIS B 25 -26.30 -11.49 -59.70
CA HIS B 25 -25.57 -10.38 -59.11
C HIS B 25 -25.40 -10.56 -57.60
N ILE B 26 -25.79 -11.72 -57.08
CA ILE B 26 -25.69 -11.96 -55.64
C ILE B 26 -24.27 -11.81 -55.09
N MET B 27 -23.29 -12.27 -55.84
CA MET B 27 -21.89 -12.20 -55.43
C MET B 27 -21.45 -10.74 -55.33
N GLU B 28 -21.84 -9.96 -56.33
CA GLU B 28 -21.51 -8.55 -56.40
C GLU B 28 -22.17 -7.76 -55.27
N PHE B 29 -23.45 -8.02 -55.04
CA PHE B 29 -24.17 -7.34 -53.99
C PHE B 29 -23.66 -7.74 -52.60
N SER B 30 -23.28 -9.00 -52.44
CA SER B 30 -22.79 -9.50 -51.16
C SER B 30 -21.48 -8.86 -50.70
N GLN B 31 -20.65 -8.45 -51.66
CA GLN B 31 -19.37 -7.82 -51.36
C GLN B 31 -19.46 -6.30 -51.31
N ASP B 32 -20.62 -5.76 -51.68
CA ASP B 32 -20.82 -4.31 -51.67
C ASP B 32 -21.41 -3.88 -50.33
N GLN B 33 -20.87 -2.80 -49.79
CA GLN B 33 -21.32 -2.28 -48.51
C GLN B 33 -22.83 -2.14 -48.37
N HIS B 34 -23.49 -1.68 -49.42
CA HIS B 34 -24.94 -1.48 -49.40
C HIS B 34 -25.72 -2.66 -49.99
N GLY B 35 -25.16 -3.30 -51.02
CA GLY B 35 -25.80 -4.46 -51.61
C GLY B 35 -25.96 -5.53 -50.53
N SER B 36 -24.88 -5.78 -49.81
CA SER B 36 -24.85 -6.78 -48.74
C SER B 36 -25.89 -6.56 -47.66
N ARG B 37 -26.36 -5.33 -47.46
CA ARG B 37 -27.39 -5.05 -46.43
C ARG B 37 -28.74 -5.43 -47.00
N PHE B 38 -28.86 -5.06 -48.23
CA PHE B 38 -30.04 -5.37 -48.91
C PHE B 38 -30.30 -6.84 -48.74
N ILE B 39 -29.30 -7.67 -49.08
CA ILE B 39 -29.50 -9.10 -49.02
C ILE B 39 -29.90 -9.61 -47.62
N GLN B 40 -29.22 -9.11 -46.59
CA GLN B 40 -29.49 -9.53 -45.22
C GLN B 40 -30.95 -9.37 -44.77
N LEU B 41 -31.55 -8.21 -45.06
CA LEU B 41 -32.93 -7.92 -44.69
C LEU B 41 -33.96 -8.76 -45.42
N LYS B 42 -33.85 -8.84 -46.75
CA LYS B 42 -34.79 -9.62 -47.55
C LYS B 42 -34.73 -11.10 -47.19
N LEU B 43 -33.50 -11.60 -46.96
CA LEU B 43 -33.34 -13.02 -46.65
C LEU B 43 -34.08 -13.33 -45.42
N GLU B 44 -34.16 -12.26 -44.68
CA GLU B 44 -34.77 -12.34 -43.41
C GLU B 44 -36.23 -12.86 -43.41
N ARG B 45 -37.08 -12.22 -44.26
CA ARG B 45 -38.50 -12.49 -44.52
C ARG B 45 -38.70 -12.92 -45.96
N ALA B 46 -37.82 -13.81 -46.42
CA ALA B 46 -37.84 -14.27 -47.79
C ALA B 46 -38.47 -15.66 -47.84
N THR B 47 -39.03 -16.01 -49.00
CA THR B 47 -39.64 -17.30 -49.21
C THR B 47 -38.51 -18.31 -49.41
N PRO B 48 -38.76 -19.59 -49.10
CA PRO B 48 -37.69 -20.59 -49.28
C PRO B 48 -37.20 -20.60 -50.72
N ALA B 49 -38.12 -20.49 -51.66
CA ALA B 49 -37.75 -20.46 -53.07
C ALA B 49 -36.72 -19.36 -53.28
N GLU B 50 -37.01 -18.19 -52.75
CA GLU B 50 -36.14 -17.01 -52.87
C GLU B 50 -34.84 -17.20 -52.11
N ARG B 51 -34.93 -17.85 -50.96
CA ARG B 51 -33.78 -18.10 -50.11
C ARG B 51 -32.77 -18.92 -50.90
N GLN B 52 -33.27 -19.94 -51.59
CA GLN B 52 -32.44 -20.83 -52.38
C GLN B 52 -31.81 -20.11 -53.59
N LEU B 53 -32.52 -19.13 -54.13
CA LEU B 53 -32.01 -18.37 -55.27
C LEU B 53 -30.72 -17.68 -54.88
N VAL B 54 -30.67 -17.22 -53.63
CA VAL B 54 -29.49 -16.54 -53.10
C VAL B 54 -28.40 -17.56 -52.77
N PHE B 55 -28.76 -18.64 -52.06
CA PHE B 55 -27.80 -19.66 -51.68
C PHE B 55 -26.97 -20.15 -52.87
N ASN B 56 -27.65 -20.43 -53.97
CA ASN B 56 -27.03 -20.90 -55.21
C ASN B 56 -25.87 -20.06 -55.66
N GLU B 57 -26.02 -18.75 -55.54
CA GLU B 57 -24.99 -17.86 -56.01
C GLU B 57 -23.89 -17.54 -55.00
N ILE B 58 -24.08 -17.93 -53.75
CA ILE B 58 -23.06 -17.68 -52.74
C ILE B 58 -22.29 -18.95 -52.42
N LEU B 59 -22.93 -20.11 -52.59
CA LEU B 59 -22.34 -21.40 -52.27
C LEU B 59 -21.00 -21.79 -52.88
N GLN B 60 -20.88 -21.76 -54.20
CA GLN B 60 -19.62 -22.15 -54.85
C GLN B 60 -18.39 -21.44 -54.33
N ALA B 61 -18.47 -20.11 -54.21
CA ALA B 61 -17.36 -19.36 -53.68
C ALA B 61 -17.74 -18.84 -52.30
N ALA B 62 -18.28 -19.73 -51.47
CA ALA B 62 -18.68 -19.38 -50.12
C ALA B 62 -17.49 -18.91 -49.26
N TYR B 63 -16.35 -19.58 -49.39
CA TYR B 63 -15.15 -19.21 -48.65
C TYR B 63 -14.80 -17.75 -48.87
N GLN B 64 -14.68 -17.34 -50.13
CA GLN B 64 -14.35 -15.95 -50.46
C GLN B 64 -15.22 -14.92 -49.70
N LEU B 65 -16.49 -15.27 -49.44
CA LEU B 65 -17.39 -14.38 -48.71
C LEU B 65 -17.21 -14.46 -47.20
N MET B 66 -16.78 -15.61 -46.70
CA MET B 66 -16.56 -15.79 -45.28
C MET B 66 -15.39 -14.92 -44.78
N VAL B 67 -14.50 -14.55 -45.69
CA VAL B 67 -13.35 -13.74 -45.31
C VAL B 67 -13.48 -12.32 -45.85
N ASP B 68 -14.63 -12.03 -46.45
CA ASP B 68 -14.88 -10.71 -47.01
C ASP B 68 -15.44 -9.78 -45.95
N VAL B 69 -15.04 -8.50 -46.04
CA VAL B 69 -15.46 -7.47 -45.11
C VAL B 69 -16.98 -7.31 -44.99
N PHE B 70 -17.72 -7.45 -46.08
CA PHE B 70 -19.18 -7.33 -46.03
C PHE B 70 -19.95 -8.62 -46.31
N GLY B 71 -19.40 -9.50 -47.15
CA GLY B 71 -20.09 -10.74 -47.45
C GLY B 71 -20.30 -11.68 -46.26
N ASN B 72 -19.37 -11.66 -45.31
CA ASN B 72 -19.45 -12.52 -44.15
C ASN B 72 -20.80 -12.48 -43.41
N TYR B 73 -21.55 -11.39 -43.56
CA TYR B 73 -22.84 -11.27 -42.88
C TYR B 73 -23.94 -12.06 -43.57
N VAL B 74 -23.76 -12.27 -44.88
CA VAL B 74 -24.72 -12.99 -45.71
C VAL B 74 -24.67 -14.47 -45.37
N ILE B 75 -23.46 -15.00 -45.25
CA ILE B 75 -23.28 -16.41 -44.91
C ILE B 75 -23.83 -16.64 -43.51
N GLN B 76 -23.49 -15.75 -42.58
CA GLN B 76 -23.98 -15.89 -41.21
C GLN B 76 -25.48 -15.95 -41.13
N LYS B 77 -26.15 -15.13 -41.94
CA LYS B 77 -27.61 -15.11 -41.91
C LYS B 77 -28.20 -16.43 -42.37
N PHE B 78 -27.43 -17.20 -43.15
CA PHE B 78 -27.92 -18.49 -43.61
C PHE B 78 -27.80 -19.54 -42.52
N PHE B 79 -26.95 -19.29 -41.52
CA PHE B 79 -26.82 -20.22 -40.39
C PHE B 79 -27.97 -19.87 -39.40
N GLU B 80 -28.61 -18.74 -39.64
CA GLU B 80 -29.71 -18.25 -38.80
C GLU B 80 -31.10 -18.54 -39.38
N PHE B 81 -31.38 -17.95 -40.53
CA PHE B 81 -32.67 -18.13 -41.20
C PHE B 81 -32.58 -19.09 -42.39
N GLY B 82 -31.64 -20.02 -42.35
CA GLY B 82 -31.49 -20.96 -43.44
C GLY B 82 -31.99 -22.37 -43.15
N SER B 83 -32.08 -23.21 -44.19
CA SER B 83 -32.55 -24.58 -44.00
C SER B 83 -31.40 -25.53 -43.70
N LEU B 84 -31.73 -26.61 -43.01
CA LEU B 84 -30.72 -27.60 -42.64
C LEU B 84 -29.79 -28.03 -43.77
N GLU B 85 -30.31 -28.20 -44.97
CA GLU B 85 -29.48 -28.61 -46.10
C GLU B 85 -28.46 -27.54 -46.40
N GLN B 86 -28.88 -26.29 -46.23
CA GLN B 86 -28.02 -25.15 -46.47
C GLN B 86 -26.97 -25.01 -45.39
N LYS B 87 -27.37 -25.23 -44.14
CA LYS B 87 -26.43 -25.14 -43.03
C LYS B 87 -25.37 -26.23 -43.15
N LEU B 88 -25.81 -27.46 -43.37
CA LEU B 88 -24.86 -28.57 -43.51
C LEU B 88 -23.99 -28.34 -44.75
N ALA B 89 -24.57 -27.72 -45.77
CA ALA B 89 -23.83 -27.45 -47.00
C ALA B 89 -22.71 -26.45 -46.75
N LEU B 90 -23.00 -25.39 -46.02
CA LEU B 90 -21.99 -24.39 -45.71
C LEU B 90 -20.89 -25.03 -44.87
N ALA B 91 -21.25 -25.90 -43.93
CA ALA B 91 -20.25 -26.57 -43.10
C ALA B 91 -19.31 -27.40 -43.97
N GLU B 92 -19.87 -28.05 -44.99
CA GLU B 92 -19.06 -28.86 -45.90
C GLU B 92 -18.09 -27.95 -46.65
N ARG B 93 -18.53 -26.73 -46.89
CA ARG B 93 -17.70 -25.75 -47.58
C ARG B 93 -16.63 -25.20 -46.63
N ILE B 94 -16.80 -25.44 -45.33
CA ILE B 94 -15.82 -24.98 -44.33
C ILE B 94 -14.79 -26.05 -43.97
N ARG B 95 -15.19 -27.32 -44.00
CA ARG B 95 -14.27 -28.42 -43.70
C ARG B 95 -12.90 -27.92 -44.11
N GLY B 96 -11.80 -28.46 -43.60
CA GLY B 96 -10.48 -28.09 -44.10
C GLY B 96 -10.08 -26.61 -44.09
N HIS B 97 -10.96 -25.70 -43.68
CA HIS B 97 -10.61 -24.28 -43.57
C HIS B 97 -10.90 -23.75 -42.16
N VAL B 98 -11.34 -24.63 -41.27
CA VAL B 98 -11.67 -24.23 -39.91
C VAL B 98 -10.62 -23.39 -39.18
N LEU B 99 -9.35 -23.74 -39.33
CA LEU B 99 -8.31 -22.98 -38.66
C LEU B 99 -8.05 -21.66 -39.38
N SER B 100 -7.85 -21.74 -40.68
CA SER B 100 -7.59 -20.57 -41.50
C SER B 100 -8.65 -19.48 -41.31
N LEU B 101 -9.91 -19.92 -41.17
CA LEU B 101 -11.04 -19.02 -40.96
C LEU B 101 -11.10 -18.52 -39.51
N ALA B 102 -10.67 -19.35 -38.56
CA ALA B 102 -10.68 -18.97 -37.15
C ALA B 102 -9.68 -17.85 -36.83
N LEU B 103 -8.65 -17.72 -37.66
CA LEU B 103 -7.63 -16.70 -37.47
C LEU B 103 -7.87 -15.49 -38.39
N GLN B 104 -8.93 -15.55 -39.18
CA GLN B 104 -9.24 -14.49 -40.11
C GLN B 104 -10.18 -13.44 -39.50
N MET B 105 -9.84 -12.18 -39.69
CA MET B 105 -10.64 -11.08 -39.16
C MET B 105 -12.16 -11.30 -39.29
N TYR B 106 -12.62 -11.72 -40.46
CA TYR B 106 -14.05 -11.95 -40.64
C TYR B 106 -14.47 -13.42 -40.61
N GLY B 107 -13.55 -14.29 -40.99
CA GLY B 107 -13.85 -15.71 -40.99
C GLY B 107 -14.20 -16.22 -39.61
N CYS B 108 -13.52 -15.72 -38.59
CA CYS B 108 -13.76 -16.15 -37.22
C CYS B 108 -15.22 -15.89 -36.84
N ARG B 109 -15.76 -14.77 -37.33
CA ARG B 109 -17.15 -14.42 -37.04
C ARG B 109 -18.09 -15.46 -37.65
N VAL B 110 -17.73 -15.96 -38.82
CA VAL B 110 -18.55 -16.97 -39.48
C VAL B 110 -18.50 -18.28 -38.70
N ILE B 111 -17.31 -18.61 -38.22
CA ILE B 111 -17.13 -19.84 -37.45
C ILE B 111 -17.93 -19.81 -36.15
N GLN B 112 -17.91 -18.66 -35.47
CA GLN B 112 -18.63 -18.54 -34.22
C GLN B 112 -20.13 -18.76 -34.38
N LYS B 113 -20.71 -18.16 -35.41
CA LYS B 113 -22.14 -18.32 -35.66
C LYS B 113 -22.46 -19.73 -36.13
N ALA B 114 -21.57 -20.32 -36.92
CA ALA B 114 -21.75 -21.68 -37.40
C ALA B 114 -21.90 -22.62 -36.20
N LEU B 115 -20.92 -22.57 -35.29
CA LEU B 115 -20.94 -23.41 -34.10
C LEU B 115 -22.22 -23.22 -33.32
N GLU B 116 -22.85 -22.07 -33.52
CA GLU B 116 -24.06 -21.75 -32.80
C GLU B 116 -25.31 -22.41 -33.36
N PHE B 117 -25.38 -22.62 -34.67
CA PHE B 117 -26.61 -23.17 -35.25
C PHE B 117 -26.51 -24.51 -35.98
N ILE B 118 -25.33 -25.13 -36.00
CA ILE B 118 -25.22 -26.42 -36.70
C ILE B 118 -25.32 -27.61 -35.73
N PRO B 119 -25.78 -28.76 -36.23
CA PRO B 119 -25.93 -29.98 -35.42
C PRO B 119 -24.70 -30.32 -34.57
N SER B 120 -24.89 -31.10 -33.51
CA SER B 120 -23.79 -31.48 -32.62
C SER B 120 -22.69 -32.20 -33.37
N ASP B 121 -23.07 -33.02 -34.35
CA ASP B 121 -22.06 -33.75 -35.12
C ASP B 121 -21.25 -32.83 -36.00
N GLN B 122 -21.92 -31.85 -36.61
CA GLN B 122 -21.23 -30.90 -37.47
C GLN B 122 -20.32 -30.02 -36.63
N GLN B 123 -20.65 -29.84 -35.36
CA GLN B 123 -19.84 -29.04 -34.46
C GLN B 123 -18.56 -29.81 -34.15
N ASN B 124 -18.71 -31.04 -33.70
CA ASN B 124 -17.56 -31.85 -33.36
C ASN B 124 -16.61 -31.99 -34.53
N GLU B 125 -17.14 -32.25 -35.73
CA GLU B 125 -16.29 -32.40 -36.90
C GLU B 125 -15.42 -31.16 -37.08
N MET B 126 -16.08 -30.00 -37.03
CA MET B 126 -15.44 -28.71 -37.21
C MET B 126 -14.37 -28.40 -36.15
N VAL B 127 -14.74 -28.52 -34.89
CA VAL B 127 -13.82 -28.24 -33.78
C VAL B 127 -12.62 -29.19 -33.75
N ARG B 128 -12.77 -30.37 -34.33
CA ARG B 128 -11.67 -31.33 -34.34
C ARG B 128 -10.51 -30.83 -35.17
N GLU B 129 -10.79 -29.91 -36.09
CA GLU B 129 -9.75 -29.35 -36.95
C GLU B 129 -8.85 -28.37 -36.22
N LEU B 130 -9.17 -28.09 -34.95
CA LEU B 130 -8.37 -27.17 -34.15
C LEU B 130 -7.36 -27.93 -33.32
N ASP B 131 -7.64 -29.20 -33.08
CA ASP B 131 -6.76 -30.05 -32.28
C ASP B 131 -5.34 -29.96 -32.79
N GLY B 132 -4.45 -29.44 -31.93
CA GLY B 132 -3.06 -29.28 -32.30
C GLY B 132 -2.76 -27.83 -32.63
N HIS B 133 -3.77 -26.98 -32.52
CA HIS B 133 -3.63 -25.57 -32.82
C HIS B 133 -4.26 -24.70 -31.72
N VAL B 134 -4.61 -25.33 -30.60
CA VAL B 134 -5.21 -24.62 -29.49
C VAL B 134 -4.46 -23.35 -29.07
N LEU B 135 -3.20 -23.51 -28.67
CA LEU B 135 -2.39 -22.38 -28.21
C LEU B 135 -2.28 -21.21 -29.19
N LYS B 136 -2.37 -21.48 -30.49
CA LYS B 136 -2.27 -20.39 -31.45
C LYS B 136 -3.61 -19.67 -31.55
N CYS B 137 -4.69 -20.43 -31.37
CA CYS B 137 -6.02 -19.85 -31.45
C CYS B 137 -6.35 -19.04 -30.21
N VAL B 138 -5.99 -19.57 -29.05
CA VAL B 138 -6.24 -18.92 -27.78
C VAL B 138 -5.43 -17.63 -27.65
N LYS B 139 -4.33 -17.53 -28.38
CA LYS B 139 -3.48 -16.36 -28.28
C LYS B 139 -3.59 -15.40 -29.48
N ASP B 140 -4.56 -15.66 -30.34
CA ASP B 140 -4.79 -14.82 -31.51
C ASP B 140 -6.03 -13.97 -31.25
N GLN B 141 -5.97 -12.68 -31.57
CA GLN B 141 -7.08 -11.76 -31.34
C GLN B 141 -8.43 -12.24 -31.86
N ASN B 142 -8.41 -12.95 -32.99
CA ASN B 142 -9.62 -13.47 -33.58
C ASN B 142 -9.88 -14.88 -33.05
N GLY B 143 -8.87 -15.73 -33.20
CA GLY B 143 -9.01 -17.11 -32.78
C GLY B 143 -9.55 -17.39 -31.39
N ASN B 144 -9.15 -16.58 -30.41
CA ASN B 144 -9.60 -16.78 -29.05
C ASN B 144 -11.11 -16.72 -28.92
N HIS B 145 -11.76 -15.92 -29.76
CA HIS B 145 -13.22 -15.81 -29.70
C HIS B 145 -13.88 -17.09 -30.24
N VAL B 146 -13.22 -17.72 -31.20
CA VAL B 146 -13.75 -18.97 -31.77
C VAL B 146 -13.61 -20.07 -30.72
N VAL B 147 -12.46 -20.12 -30.04
CA VAL B 147 -12.23 -21.13 -29.02
C VAL B 147 -13.22 -20.98 -27.85
N GLN B 148 -13.54 -19.74 -27.51
CA GLN B 148 -14.49 -19.46 -26.44
C GLN B 148 -15.87 -19.97 -26.82
N LYS B 149 -16.26 -19.79 -28.09
CA LYS B 149 -17.56 -20.25 -28.56
C LYS B 149 -17.63 -21.78 -28.51
N CYS B 150 -16.52 -22.47 -28.72
CA CYS B 150 -16.49 -23.93 -28.67
C CYS B 150 -16.77 -24.44 -27.28
N ILE B 151 -16.19 -23.77 -26.29
CA ILE B 151 -16.38 -24.13 -24.89
C ILE B 151 -17.84 -23.89 -24.55
N GLU B 152 -18.48 -22.95 -25.27
CA GLU B 152 -19.89 -22.55 -25.06
C GLU B 152 -20.91 -23.47 -25.69
N CYS B 153 -20.72 -23.79 -26.92
CA CYS B 153 -21.74 -24.55 -27.60
C CYS B 153 -21.38 -25.99 -27.84
N VAL B 154 -20.11 -26.31 -28.05
CA VAL B 154 -19.76 -27.72 -28.31
C VAL B 154 -19.72 -28.57 -27.06
N GLN B 155 -20.25 -29.78 -27.16
CA GLN B 155 -20.28 -30.72 -26.04
C GLN B 155 -18.89 -30.74 -25.44
N PRO B 156 -18.80 -30.74 -24.10
CA PRO B 156 -17.48 -30.75 -23.46
C PRO B 156 -16.58 -31.93 -23.80
N GLN B 157 -17.13 -33.15 -23.80
CA GLN B 157 -16.33 -34.34 -24.09
C GLN B 157 -15.43 -34.24 -25.33
N SER B 158 -15.91 -33.62 -26.39
CA SER B 158 -15.11 -33.46 -27.61
C SER B 158 -14.14 -32.28 -27.47
N LEU B 159 -14.04 -31.76 -26.25
CA LEU B 159 -13.17 -30.62 -25.98
C LEU B 159 -11.95 -30.97 -25.14
N GLN B 160 -11.76 -32.26 -24.90
CA GLN B 160 -10.65 -32.71 -24.10
C GLN B 160 -9.31 -32.21 -24.60
N PHE B 161 -9.09 -32.33 -25.91
CA PHE B 161 -7.84 -31.91 -26.49
C PHE B 161 -7.46 -30.49 -26.09
N ILE B 162 -8.47 -29.67 -25.77
CA ILE B 162 -8.22 -28.30 -25.36
C ILE B 162 -7.70 -28.27 -23.94
N ILE B 163 -8.19 -29.20 -23.13
CA ILE B 163 -7.78 -29.31 -21.74
C ILE B 163 -6.37 -29.87 -21.72
N ASP B 164 -6.08 -30.79 -22.64
CA ASP B 164 -4.76 -31.40 -22.74
C ASP B 164 -3.73 -30.33 -23.11
N ALA B 165 -4.08 -29.46 -24.06
CA ALA B 165 -3.17 -28.42 -24.49
C ALA B 165 -2.82 -27.48 -23.34
N PHE B 166 -3.78 -27.24 -22.45
CA PHE B 166 -3.57 -26.35 -21.32
C PHE B 166 -2.68 -26.94 -20.23
N LYS B 167 -2.32 -28.20 -20.37
CA LYS B 167 -1.46 -28.83 -19.38
C LYS B 167 -0.17 -28.00 -19.27
N GLY B 168 0.14 -27.57 -18.04
CA GLY B 168 1.34 -26.78 -17.82
C GLY B 168 1.33 -25.38 -18.41
N GLN B 169 0.21 -24.96 -18.97
CA GLN B 169 0.10 -23.64 -19.60
C GLN B 169 -0.83 -22.66 -18.87
N VAL B 170 -1.54 -23.14 -17.86
CA VAL B 170 -2.47 -22.31 -17.12
C VAL B 170 -1.90 -20.96 -16.71
N PHE B 171 -0.74 -20.96 -16.07
CA PHE B 171 -0.14 -19.70 -15.65
C PHE B 171 0.23 -18.82 -16.83
N ALA B 172 0.83 -19.41 -17.87
CA ALA B 172 1.19 -18.67 -19.05
C ALA B 172 -0.07 -18.08 -19.66
N LEU B 173 -1.13 -18.86 -19.71
CA LEU B 173 -2.40 -18.39 -20.29
C LEU B 173 -3.22 -17.46 -19.38
N SER B 174 -3.19 -17.73 -18.08
CA SER B 174 -3.95 -16.91 -17.14
C SER B 174 -3.42 -15.49 -17.02
N THR B 175 -2.22 -15.26 -17.54
CA THR B 175 -1.61 -13.94 -17.49
C THR B 175 -1.49 -13.38 -18.89
N HIS B 176 -2.40 -13.80 -19.76
CA HIS B 176 -2.45 -13.39 -21.16
C HIS B 176 -3.82 -12.75 -21.42
N PRO B 177 -3.84 -11.62 -22.14
CA PRO B 177 -5.09 -10.93 -22.42
C PRO B 177 -6.22 -11.80 -22.97
N TYR B 178 -5.90 -12.69 -23.89
CA TYR B 178 -6.90 -13.56 -24.48
C TYR B 178 -7.10 -14.84 -23.69
N GLY B 179 -6.01 -15.44 -23.23
CA GLY B 179 -6.10 -16.68 -22.47
C GLY B 179 -6.87 -16.60 -21.17
N CYS B 180 -6.81 -15.47 -20.48
CA CYS B 180 -7.52 -15.36 -19.22
C CYS B 180 -9.01 -15.58 -19.49
N ARG B 181 -9.47 -15.13 -20.65
CA ARG B 181 -10.86 -15.28 -21.04
C ARG B 181 -11.20 -16.75 -21.31
N VAL B 182 -10.45 -17.39 -22.19
CA VAL B 182 -10.70 -18.79 -22.49
C VAL B 182 -10.70 -19.64 -21.22
N ILE B 183 -9.77 -19.35 -20.29
CA ILE B 183 -9.69 -20.09 -19.03
C ILE B 183 -10.90 -19.89 -18.12
N GLN B 184 -11.48 -18.69 -18.15
CA GLN B 184 -12.67 -18.45 -17.35
C GLN B 184 -13.83 -19.20 -18.03
N ARG B 185 -13.80 -19.29 -19.36
CA ARG B 185 -14.85 -20.03 -20.07
C ARG B 185 -14.80 -21.50 -19.66
N ILE B 186 -13.59 -22.02 -19.47
CA ILE B 186 -13.40 -23.40 -19.07
C ILE B 186 -13.99 -23.65 -17.68
N LEU B 187 -13.57 -22.87 -16.69
CA LEU B 187 -14.07 -23.03 -15.34
C LEU B 187 -15.60 -22.98 -15.31
N GLU B 188 -16.17 -22.28 -16.30
CA GLU B 188 -17.62 -22.11 -16.42
C GLU B 188 -18.39 -23.24 -17.08
N HIS B 189 -17.92 -23.68 -18.26
CA HIS B 189 -18.60 -24.71 -19.02
C HIS B 189 -18.07 -26.15 -18.92
N CYS B 190 -16.76 -26.31 -18.78
CA CYS B 190 -16.17 -27.65 -18.73
C CYS B 190 -16.55 -28.52 -17.53
N LEU B 191 -16.26 -29.82 -17.64
CA LEU B 191 -16.59 -30.80 -16.61
C LEU B 191 -15.58 -30.93 -15.46
N PRO B 192 -16.02 -31.45 -14.30
CA PRO B 192 -15.16 -31.61 -13.13
C PRO B 192 -13.83 -32.29 -13.45
N ASP B 193 -13.90 -33.42 -14.15
CA ASP B 193 -12.70 -34.14 -14.51
C ASP B 193 -11.74 -33.26 -15.32
N GLN B 194 -12.30 -32.36 -16.14
CA GLN B 194 -11.50 -31.46 -16.98
C GLN B 194 -10.96 -30.22 -16.24
N THR B 195 -11.75 -29.69 -15.30
CA THR B 195 -11.33 -28.49 -14.56
C THR B 195 -10.41 -28.78 -13.38
N LEU B 196 -10.52 -29.98 -12.82
CA LEU B 196 -9.68 -30.37 -11.69
C LEU B 196 -8.20 -30.08 -11.95
N PRO B 197 -7.68 -30.51 -13.12
CA PRO B 197 -6.27 -30.24 -13.43
C PRO B 197 -6.00 -28.78 -13.72
N ILE B 198 -7.01 -28.04 -14.15
CA ILE B 198 -6.82 -26.61 -14.43
C ILE B 198 -6.64 -25.88 -13.11
N LEU B 199 -7.55 -26.14 -12.18
CA LEU B 199 -7.54 -25.50 -10.87
C LEU B 199 -6.29 -25.78 -10.05
N GLU B 200 -5.72 -26.97 -10.19
CA GLU B 200 -4.52 -27.28 -9.42
C GLU B 200 -3.38 -26.40 -9.89
N GLU B 201 -3.34 -26.15 -11.19
CA GLU B 201 -2.28 -25.32 -11.73
C GLU B 201 -2.55 -23.85 -11.38
N LEU B 202 -3.78 -23.53 -11.06
CA LEU B 202 -4.14 -22.17 -10.68
C LEU B 202 -3.77 -21.94 -9.23
N HIS B 203 -3.87 -23.00 -8.42
CA HIS B 203 -3.56 -22.91 -6.99
C HIS B 203 -2.05 -22.85 -6.76
N GLN B 204 -1.28 -23.45 -7.65
CA GLN B 204 0.17 -23.42 -7.50
C GLN B 204 0.73 -22.03 -7.77
N HIS B 205 0.03 -21.26 -8.60
CA HIS B 205 0.48 -19.92 -8.95
C HIS B 205 -0.44 -18.80 -8.46
N THR B 206 -1.31 -19.13 -7.52
CA THR B 206 -2.25 -18.15 -7.00
C THR B 206 -1.52 -16.89 -6.51
N GLU B 207 -0.40 -17.09 -5.83
CA GLU B 207 0.40 -15.96 -5.34
C GLU B 207 0.76 -14.94 -6.43
N GLN B 208 1.14 -15.42 -7.61
CA GLN B 208 1.50 -14.55 -8.74
C GLN B 208 0.32 -14.05 -9.58
N LEU B 209 -0.74 -14.85 -9.64
CA LEU B 209 -1.95 -14.49 -10.39
C LEU B 209 -2.76 -13.35 -9.76
N VAL B 210 -2.78 -13.29 -8.43
CA VAL B 210 -3.53 -12.24 -7.76
C VAL B 210 -2.82 -10.91 -7.98
N GLN B 211 -1.57 -10.98 -8.43
CA GLN B 211 -0.79 -9.77 -8.67
C GLN B 211 -0.67 -9.43 -10.15
N ASP B 212 -1.22 -10.29 -11.01
CA ASP B 212 -1.18 -10.11 -12.46
C ASP B 212 -2.38 -9.31 -12.96
N GLN B 213 -2.12 -8.41 -13.90
CA GLN B 213 -3.15 -7.56 -14.49
C GLN B 213 -4.35 -8.32 -15.06
N TYR B 214 -4.14 -9.57 -15.46
CA TYR B 214 -5.23 -10.37 -16.02
C TYR B 214 -5.51 -11.56 -15.12
N GLY B 215 -4.46 -12.10 -14.52
CA GLY B 215 -4.63 -13.25 -13.66
C GLY B 215 -5.57 -12.97 -12.52
N ASN B 216 -5.49 -11.77 -11.94
CA ASN B 216 -6.33 -11.41 -10.81
C ASN B 216 -7.80 -11.64 -11.16
N TYR B 217 -8.12 -11.54 -12.45
CA TYR B 217 -9.49 -11.76 -12.91
C TYR B 217 -9.83 -13.24 -12.88
N VAL B 218 -8.83 -14.09 -13.12
CA VAL B 218 -9.04 -15.52 -13.11
C VAL B 218 -9.29 -15.96 -11.67
N ILE B 219 -8.52 -15.39 -10.75
CA ILE B 219 -8.66 -15.69 -9.34
C ILE B 219 -10.01 -15.20 -8.80
N GLN B 220 -10.38 -13.97 -9.12
CA GLN B 220 -11.67 -13.44 -8.67
C GLN B 220 -12.78 -14.34 -9.19
N HIS B 221 -12.63 -14.84 -10.41
CA HIS B 221 -13.64 -15.71 -11.00
C HIS B 221 -13.93 -16.92 -10.12
N VAL B 222 -12.88 -17.65 -9.74
CA VAL B 222 -13.04 -18.83 -8.89
C VAL B 222 -13.67 -18.46 -7.54
N LEU B 223 -13.34 -17.28 -7.04
CA LEU B 223 -13.89 -16.81 -5.77
C LEU B 223 -15.38 -16.52 -5.89
N GLU B 224 -15.82 -16.23 -7.10
CA GLU B 224 -17.23 -15.92 -7.31
C GLU B 224 -18.10 -17.10 -7.76
N HIS B 225 -17.57 -17.98 -8.59
CA HIS B 225 -18.36 -19.09 -9.12
C HIS B 225 -17.91 -20.50 -8.74
N GLY B 226 -16.68 -20.63 -8.26
CA GLY B 226 -16.19 -21.96 -7.92
C GLY B 226 -16.65 -22.59 -6.63
N ARG B 227 -16.23 -23.83 -6.41
CA ARG B 227 -16.56 -24.58 -5.21
C ARG B 227 -15.90 -23.92 -4.01
N PRO B 228 -16.49 -24.09 -2.81
CA PRO B 228 -15.97 -23.52 -1.57
C PRO B 228 -14.55 -24.00 -1.23
N GLU B 229 -14.23 -25.21 -1.69
CA GLU B 229 -12.94 -25.80 -1.44
C GLU B 229 -11.84 -25.01 -2.15
N ASP B 230 -12.11 -24.57 -3.36
CA ASP B 230 -11.12 -23.82 -4.13
C ASP B 230 -10.91 -22.45 -3.50
N LYS B 231 -12.02 -21.79 -3.17
CA LYS B 231 -11.99 -20.47 -2.54
C LYS B 231 -11.11 -20.47 -1.30
N SER B 232 -11.16 -21.55 -0.52
CA SER B 232 -10.36 -21.66 0.71
C SER B 232 -8.88 -21.64 0.43
N LYS B 233 -8.44 -22.46 -0.54
CA LYS B 233 -7.03 -22.48 -0.90
C LYS B 233 -6.61 -21.04 -1.13
N ILE B 234 -7.41 -20.33 -1.92
CA ILE B 234 -7.20 -18.94 -2.27
C ILE B 234 -7.13 -17.97 -1.10
N VAL B 235 -8.10 -18.05 -0.19
CA VAL B 235 -8.12 -17.18 0.97
C VAL B 235 -6.94 -17.51 1.88
N ALA B 236 -6.52 -18.77 1.86
CA ALA B 236 -5.41 -19.18 2.70
C ALA B 236 -4.11 -18.56 2.19
N GLU B 237 -4.07 -18.24 0.89
CA GLU B 237 -2.91 -17.61 0.28
C GLU B 237 -2.85 -16.12 0.60
N ILE B 238 -4.02 -15.49 0.65
CA ILE B 238 -4.12 -14.06 0.97
C ILE B 238 -3.95 -13.87 2.48
N ARG B 239 -4.47 -14.85 3.23
CA ARG B 239 -4.40 -14.81 4.68
C ARG B 239 -2.95 -14.54 5.07
N GLY B 240 -2.73 -13.48 5.85
CA GLY B 240 -1.39 -13.13 6.26
C GLY B 240 -0.73 -12.10 5.35
N ASN B 241 -1.35 -11.81 4.21
CA ASN B 241 -0.83 -10.82 3.26
C ASN B 241 -1.92 -9.81 2.92
N VAL B 242 -2.94 -9.69 3.76
CA VAL B 242 -4.02 -8.77 3.49
C VAL B 242 -3.55 -7.34 3.40
N LEU B 243 -2.57 -6.98 4.23
CA LEU B 243 -2.04 -5.62 4.24
C LEU B 243 -1.29 -5.22 2.97
N VAL B 244 -0.27 -5.99 2.58
CA VAL B 244 0.48 -5.66 1.37
C VAL B 244 -0.36 -5.74 0.11
N LEU B 245 -1.02 -6.88 -0.09
CA LEU B 245 -1.86 -7.10 -1.27
C LEU B 245 -3.00 -6.10 -1.45
N SER B 246 -3.45 -5.51 -0.34
CA SER B 246 -4.54 -4.55 -0.36
C SER B 246 -4.08 -3.22 -0.96
N GLN B 247 -2.77 -3.03 -0.99
CA GLN B 247 -2.18 -1.82 -1.53
C GLN B 247 -1.83 -2.00 -2.99
N HIS B 248 -1.83 -3.25 -3.44
CA HIS B 248 -1.49 -3.61 -4.81
C HIS B 248 -2.65 -3.29 -5.76
N LYS B 249 -2.34 -2.58 -6.84
CA LYS B 249 -3.35 -2.19 -7.82
C LYS B 249 -4.24 -3.33 -8.30
N PHE B 250 -3.64 -4.47 -8.63
CA PHE B 250 -4.40 -5.61 -9.12
C PHE B 250 -4.91 -6.52 -8.00
N ALA B 251 -3.99 -6.97 -7.15
CA ALA B 251 -4.33 -7.85 -6.04
C ALA B 251 -5.40 -7.30 -5.08
N SER B 252 -5.49 -5.97 -4.94
CA SER B 252 -6.48 -5.39 -4.04
C SER B 252 -7.88 -5.86 -4.40
N ASN B 253 -8.13 -6.16 -5.67
CA ASN B 253 -9.46 -6.65 -6.05
C ASN B 253 -9.71 -8.07 -5.54
N VAL B 254 -8.69 -8.92 -5.57
CA VAL B 254 -8.81 -10.30 -5.09
C VAL B 254 -9.10 -10.30 -3.58
N VAL B 255 -8.32 -9.55 -2.81
CA VAL B 255 -8.55 -9.49 -1.38
C VAL B 255 -9.92 -8.90 -1.09
N GLU B 256 -10.44 -8.12 -2.03
CA GLU B 256 -11.75 -7.51 -1.87
C GLU B 256 -12.82 -8.57 -2.16
N LYS B 257 -12.52 -9.51 -3.06
CA LYS B 257 -13.45 -10.58 -3.39
C LYS B 257 -13.48 -11.68 -2.31
N CYS B 258 -12.36 -11.89 -1.61
CA CYS B 258 -12.35 -12.88 -0.54
C CYS B 258 -13.28 -12.35 0.55
N VAL B 259 -12.96 -11.14 1.00
CA VAL B 259 -13.73 -10.46 2.02
C VAL B 259 -15.23 -10.55 1.73
N THR B 260 -15.60 -10.74 0.46
CA THR B 260 -17.00 -10.79 0.07
C THR B 260 -17.57 -12.12 -0.40
N HIS B 261 -16.70 -13.06 -0.79
CA HIS B 261 -17.17 -14.34 -1.28
C HIS B 261 -16.62 -15.55 -0.56
N ALA B 262 -16.01 -15.35 0.60
CA ALA B 262 -15.48 -16.47 1.35
C ALA B 262 -16.55 -16.96 2.32
N SER B 263 -16.16 -17.75 3.31
CA SER B 263 -17.12 -18.25 4.29
C SER B 263 -17.35 -17.16 5.34
N ARG B 264 -18.23 -17.41 6.29
CA ARG B 264 -18.51 -16.44 7.34
C ARG B 264 -17.30 -16.31 8.27
N THR B 265 -16.55 -17.40 8.40
CA THR B 265 -15.37 -17.46 9.25
C THR B 265 -14.18 -16.78 8.56
N GLU B 266 -13.93 -17.19 7.32
CA GLU B 266 -12.82 -16.67 6.50
C GLU B 266 -12.94 -15.16 6.33
N ARG B 267 -14.18 -14.71 6.11
CA ARG B 267 -14.45 -13.29 5.94
C ARG B 267 -14.10 -12.57 7.25
N ALA B 268 -14.31 -13.24 8.38
CA ALA B 268 -14.04 -12.66 9.69
C ALA B 268 -12.61 -12.82 10.16
N VAL B 269 -11.87 -13.76 9.58
CA VAL B 269 -10.50 -13.97 9.97
C VAL B 269 -9.57 -13.01 9.22
N LEU B 270 -10.07 -12.50 8.08
CA LEU B 270 -9.33 -11.58 7.22
C LEU B 270 -9.51 -10.13 7.66
N ILE B 271 -10.72 -9.82 8.11
CA ILE B 271 -11.07 -8.49 8.59
C ILE B 271 -10.45 -8.25 9.96
N ASP B 272 -10.02 -9.32 10.63
CA ASP B 272 -9.41 -9.20 11.96
C ASP B 272 -7.91 -9.02 11.85
N GLU B 273 -7.34 -9.58 10.79
CA GLU B 273 -5.91 -9.49 10.54
C GLU B 273 -5.46 -8.03 10.41
N VAL B 274 -6.32 -7.19 9.81
CA VAL B 274 -6.02 -5.78 9.62
C VAL B 274 -6.40 -4.92 10.82
N CYS B 275 -6.76 -5.56 11.92
CA CYS B 275 -7.11 -4.86 13.15
C CYS B 275 -6.00 -5.12 14.16
N THR B 276 -5.14 -6.08 13.85
CA THR B 276 -4.05 -6.42 14.74
C THR B 276 -2.68 -6.15 14.12
N MET B 277 -2.57 -6.33 12.82
CA MET B 277 -1.31 -6.12 12.14
C MET B 277 -0.94 -4.64 12.18
N ASN B 278 0.34 -4.35 11.92
CA ASN B 278 0.84 -2.98 11.92
C ASN B 278 1.87 -2.85 10.80
N ASP B 279 2.12 -1.61 10.39
CA ASP B 279 3.10 -1.31 9.39
C ASP B 279 4.27 -0.63 10.06
N GLY B 280 4.62 -1.14 11.24
CA GLY B 280 5.68 -0.56 12.03
C GLY B 280 5.26 0.78 12.61
N PRO B 281 5.72 1.89 12.02
CA PRO B 281 5.32 3.22 12.47
C PRO B 281 3.81 3.36 12.78
N HIS B 282 2.88 2.89 11.90
CA HIS B 282 1.44 2.97 12.18
C HIS B 282 0.71 1.66 11.96
N SER B 283 -0.47 1.60 12.52
CA SER B 283 -1.30 0.42 12.38
C SER B 283 -1.63 0.19 10.92
N ALA B 284 -2.00 -1.06 10.63
CA ALA B 284 -2.36 -1.49 9.29
C ALA B 284 -3.57 -0.71 8.80
N LEU B 285 -4.52 -0.53 9.70
CA LEU B 285 -5.75 0.19 9.39
C LEU B 285 -5.47 1.61 8.92
N TYR B 286 -4.45 2.24 9.50
CA TYR B 286 -4.05 3.60 9.16
C TYR B 286 -3.58 3.62 7.71
N THR B 287 -2.63 2.73 7.43
CA THR B 287 -2.04 2.59 6.09
C THR B 287 -3.08 2.25 5.03
N MET B 288 -4.04 1.41 5.37
CA MET B 288 -5.05 1.02 4.39
C MET B 288 -6.04 2.13 4.06
N MET B 289 -6.33 2.98 5.03
CA MET B 289 -7.27 4.10 4.82
C MET B 289 -6.73 5.25 3.99
N LYS B 290 -5.41 5.42 3.92
CA LYS B 290 -4.86 6.53 3.17
C LYS B 290 -4.32 6.12 1.82
N ASP B 291 -4.53 4.85 1.46
CA ASP B 291 -4.08 4.32 0.19
C ASP B 291 -5.22 4.28 -0.84
N GLN B 292 -4.89 4.63 -2.07
CA GLN B 292 -5.83 4.68 -3.18
C GLN B 292 -6.54 3.34 -3.51
N TYR B 293 -5.98 2.22 -3.07
CA TYR B 293 -6.59 0.92 -3.36
C TYR B 293 -7.14 0.24 -2.09
N ALA B 294 -6.36 0.25 -1.03
CA ALA B 294 -6.73 -0.38 0.24
C ALA B 294 -7.98 0.21 0.89
N ASN B 295 -8.28 1.48 0.58
CA ASN B 295 -9.44 2.11 1.15
C ASN B 295 -10.73 1.35 0.74
N TYR B 296 -10.71 0.73 -0.44
CA TYR B 296 -11.89 -0.01 -0.88
C TYR B 296 -12.03 -1.28 -0.08
N VAL B 297 -10.92 -1.95 0.14
CA VAL B 297 -10.90 -3.17 0.93
C VAL B 297 -11.54 -2.79 2.26
N VAL B 298 -11.04 -1.72 2.89
CA VAL B 298 -11.59 -1.28 4.16
C VAL B 298 -13.10 -1.06 4.08
N GLN B 299 -13.53 -0.24 3.13
CA GLN B 299 -14.94 0.01 2.99
C GLN B 299 -15.71 -1.30 2.96
N LYS B 300 -15.24 -2.23 2.13
CA LYS B 300 -15.88 -3.52 1.95
C LYS B 300 -15.95 -4.31 3.25
N MET B 301 -14.88 -4.30 4.02
CA MET B 301 -14.84 -5.03 5.27
C MET B 301 -15.92 -4.48 6.20
N ILE B 302 -16.10 -3.16 6.20
CA ILE B 302 -17.10 -2.50 7.04
C ILE B 302 -18.50 -2.87 6.59
N ASP B 303 -18.67 -3.08 5.29
CA ASP B 303 -19.97 -3.46 4.76
C ASP B 303 -20.29 -4.94 5.00
N VAL B 304 -19.27 -5.79 5.02
CA VAL B 304 -19.50 -7.22 5.22
C VAL B 304 -19.31 -7.69 6.66
N ALA B 305 -18.64 -6.88 7.48
CA ALA B 305 -18.42 -7.26 8.87
C ALA B 305 -19.76 -7.46 9.58
N GLU B 306 -19.83 -8.50 10.40
CA GLU B 306 -21.05 -8.79 11.16
C GLU B 306 -21.07 -7.94 12.42
N PRO B 307 -22.23 -7.37 12.77
CA PRO B 307 -22.46 -6.50 13.95
C PRO B 307 -21.26 -6.46 14.92
N GLY B 308 -20.87 -7.65 15.37
CA GLY B 308 -19.84 -7.90 16.35
C GLY B 308 -18.59 -7.07 16.16
N GLN B 309 -17.73 -7.46 15.25
CA GLN B 309 -16.45 -6.75 14.98
C GLN B 309 -16.63 -5.33 14.53
N ARG B 310 -17.66 -5.10 13.67
CA ARG B 310 -17.92 -3.77 13.17
C ARG B 310 -17.43 -2.83 14.24
N LYS B 311 -18.00 -2.98 15.40
CA LYS B 311 -17.59 -2.18 16.53
C LYS B 311 -16.04 -2.06 16.65
N ILE B 312 -15.26 -3.15 16.90
CA ILE B 312 -13.76 -3.17 16.97
C ILE B 312 -13.11 -2.38 15.84
N VAL B 313 -13.59 -2.70 14.62
CA VAL B 313 -13.04 -2.01 13.45
C VAL B 313 -13.24 -0.53 13.60
N MET B 314 -14.50 -0.10 13.74
CA MET B 314 -14.83 1.31 13.93
C MET B 314 -14.00 1.90 15.07
N HIS B 315 -13.74 1.08 16.07
CA HIS B 315 -12.97 1.51 17.23
C HIS B 315 -11.52 1.83 16.88
N LYS B 316 -10.98 1.13 15.89
CA LYS B 316 -9.59 1.30 15.46
C LYS B 316 -9.43 2.38 14.38
N ILE B 317 -10.53 2.71 13.71
CA ILE B 317 -10.50 3.74 12.67
C ILE B 317 -10.71 5.14 13.29
N ARG B 318 -11.74 5.27 14.12
CA ARG B 318 -12.09 6.52 14.80
C ARG B 318 -10.90 7.40 15.20
N PRO B 319 -9.80 6.81 15.69
CA PRO B 319 -8.66 7.66 16.08
C PRO B 319 -8.06 8.44 14.91
N HIS B 320 -8.24 7.91 13.71
CA HIS B 320 -7.67 8.54 12.51
C HIS B 320 -8.67 9.37 11.72
N ILE B 321 -9.66 9.93 12.39
CA ILE B 321 -10.67 10.74 11.72
C ILE B 321 -10.04 11.97 11.07
N ALA B 322 -9.13 12.61 11.79
CA ALA B 322 -8.46 13.81 11.29
C ALA B 322 -7.75 13.51 9.97
N THR B 323 -7.11 12.34 9.92
CA THR B 323 -6.39 11.89 8.74
C THR B 323 -7.33 11.59 7.58
N LEU B 324 -8.58 11.26 7.88
CA LEU B 324 -9.58 10.97 6.84
C LEU B 324 -10.08 12.24 6.17
N ARG B 325 -9.93 13.36 6.85
CA ARG B 325 -10.39 14.65 6.34
C ARG B 325 -9.36 15.36 5.47
N LYS B 326 -8.18 15.63 6.02
CA LYS B 326 -7.13 16.32 5.25
C LYS B 326 -6.60 15.52 4.07
N TYR B 327 -7.00 14.25 3.98
CA TYR B 327 -6.57 13.44 2.85
C TYR B 327 -7.80 13.40 1.94
N THR B 328 -7.73 12.63 0.86
CA THR B 328 -8.87 12.60 -0.05
C THR B 328 -9.71 11.33 0.05
N TYR B 329 -9.05 10.21 0.34
CA TYR B 329 -9.73 8.91 0.43
C TYR B 329 -10.28 8.60 1.81
N GLY B 330 -10.87 9.60 2.46
CA GLY B 330 -11.40 9.38 3.79
C GLY B 330 -12.90 9.58 3.93
N LYS B 331 -13.43 10.58 3.23
CA LYS B 331 -14.86 10.88 3.29
C LYS B 331 -15.72 9.64 3.11
N HIS B 332 -15.26 8.71 2.28
CA HIS B 332 -15.97 7.47 2.03
C HIS B 332 -16.03 6.66 3.31
N ILE B 333 -14.86 6.38 3.88
CA ILE B 333 -14.76 5.64 5.13
C ILE B 333 -15.45 6.45 6.22
N LEU B 334 -15.04 7.71 6.33
CA LEU B 334 -15.55 8.63 7.33
C LEU B 334 -17.07 8.68 7.33
N ALA B 335 -17.68 8.82 6.16
CA ALA B 335 -19.12 8.87 6.08
C ALA B 335 -19.74 7.65 6.77
N LYS B 336 -19.02 6.53 6.76
CA LYS B 336 -19.53 5.31 7.39
C LYS B 336 -19.32 5.37 8.90
N LEU B 337 -18.16 5.90 9.29
CA LEU B 337 -17.82 6.07 10.69
C LEU B 337 -18.86 6.97 11.35
N GLU B 338 -19.11 8.13 10.74
CA GLU B 338 -20.08 9.09 11.24
C GLU B 338 -21.47 8.45 11.35
N LYS B 339 -21.86 7.69 10.33
CA LYS B 339 -23.19 7.07 10.32
C LYS B 339 -23.46 6.11 11.45
N TYR B 340 -22.72 5.04 11.41
CA TYR B 340 -22.96 4.03 12.43
C TYR B 340 -22.97 4.56 13.87
N TYR B 341 -22.42 5.75 14.14
CA TYR B 341 -22.32 6.23 15.53
C TYR B 341 -23.48 7.11 15.98
N GLY C 1 18.70 30.25 -16.08
CA GLY C 1 18.61 29.11 -17.04
C GLY C 1 17.22 28.52 -17.13
N ARG C 2 16.25 29.20 -16.53
CA ARG C 2 14.86 28.73 -16.52
C ARG C 2 14.31 28.60 -17.94
N SER C 3 13.04 28.19 -18.01
CA SER C 3 12.35 28.01 -19.28
C SER C 3 11.29 29.10 -19.44
N ARG C 4 10.90 29.38 -20.68
CA ARG C 4 9.88 30.39 -20.96
C ARG C 4 8.67 30.13 -20.05
N LEU C 5 8.11 28.94 -20.18
CA LEU C 5 6.95 28.52 -19.40
C LEU C 5 7.13 28.76 -17.90
N LEU C 6 8.32 28.47 -17.40
CA LEU C 6 8.60 28.65 -15.98
C LEU C 6 8.78 30.13 -15.64
N GLU C 7 9.46 30.91 -16.44
CA GLU C 7 9.70 32.32 -16.10
C GLU C 7 8.40 32.98 -15.99
N ASP C 8 7.69 32.46 -16.97
CA ASP C 8 6.34 32.73 -17.34
C ASP C 8 5.36 32.55 -16.19
N PHE C 9 5.53 31.44 -15.47
CA PHE C 9 4.83 31.01 -14.27
C PHE C 9 5.14 31.96 -13.09
N ARG C 10 6.40 32.37 -13.05
CA ARG C 10 6.86 33.26 -11.99
C ARG C 10 6.27 34.66 -12.18
N ASN C 11 5.95 35.02 -13.42
CA ASN C 11 5.37 36.32 -13.72
C ASN C 11 3.86 36.30 -13.49
N ASN C 12 3.37 35.22 -12.92
CA ASN C 12 1.95 35.07 -12.61
C ASN C 12 1.10 35.00 -13.89
N ARG C 13 1.75 34.67 -15.01
CA ARG C 13 1.06 34.56 -16.29
C ARG C 13 0.24 33.29 -16.45
N TYR C 14 -0.11 32.66 -15.32
CA TYR C 14 -0.89 31.43 -15.30
C TYR C 14 -1.51 31.30 -13.91
N PRO C 15 -2.62 32.02 -13.65
CA PRO C 15 -3.25 32.00 -12.33
C PRO C 15 -3.99 30.75 -12.12
N ASN C 16 -4.24 30.18 -13.23
CA ASN C 16 -4.93 28.93 -13.22
C ASN C 16 -4.13 27.85 -13.90
N LEU C 17 -2.87 27.76 -13.63
CA LEU C 17 -2.04 26.70 -14.30
C LEU C 17 -2.32 25.34 -13.65
N GLN C 18 -2.49 24.28 -14.43
CA GLN C 18 -2.79 22.96 -13.89
C GLN C 18 -1.55 22.05 -13.96
N LEU C 19 -1.60 20.91 -13.29
CA LEU C 19 -0.48 19.96 -13.32
C LEU C 19 -0.31 19.41 -14.73
N ARG C 20 -1.37 18.81 -15.22
CA ARG C 20 -1.41 18.22 -16.55
C ARG C 20 -0.68 19.13 -17.56
N GLU C 21 -0.69 20.43 -17.26
CA GLU C 21 -0.13 21.43 -18.18
C GLU C 21 1.37 21.73 -18.09
N ILE C 22 2.03 21.33 -17.00
CA ILE C 22 3.46 21.57 -16.92
C ILE C 22 4.20 20.25 -17.20
N ALA C 23 3.48 19.31 -17.80
CA ALA C 23 4.02 18.01 -18.16
C ALA C 23 5.26 18.21 -19.02
N GLY C 24 6.29 17.44 -18.77
CA GLY C 24 7.52 17.60 -19.53
C GLY C 24 8.35 18.68 -18.86
N HIS C 25 7.88 19.20 -17.73
CA HIS C 25 8.60 20.24 -17.00
C HIS C 25 8.52 19.99 -15.50
N ILE C 26 8.06 18.80 -15.11
CA ILE C 26 7.94 18.45 -13.71
C ILE C 26 9.28 18.57 -12.99
N MET C 27 10.34 18.15 -13.67
CA MET C 27 11.71 18.17 -13.15
C MET C 27 12.22 19.60 -12.94
N GLU C 28 11.98 20.47 -13.92
CA GLU C 28 12.43 21.85 -13.81
C GLU C 28 11.63 22.62 -12.74
N PHE C 29 10.31 22.41 -12.73
CA PHE C 29 9.46 23.08 -11.74
C PHE C 29 9.81 22.57 -10.32
N SER C 30 10.15 21.29 -10.19
CA SER C 30 10.48 20.74 -8.88
C SER C 30 11.71 21.38 -8.24
N GLN C 31 12.65 21.86 -9.06
CA GLN C 31 13.86 22.48 -8.53
C GLN C 31 13.77 24.00 -8.42
N ASP C 32 12.60 24.53 -8.72
CA ASP C 32 12.33 25.94 -8.63
C ASP C 32 11.63 26.19 -7.35
N GLN C 33 11.86 27.36 -6.77
CA GLN C 33 11.26 27.66 -5.45
C GLN C 33 9.74 27.76 -5.46
N HIS C 34 9.18 28.46 -6.46
CA HIS C 34 7.74 28.61 -6.65
C HIS C 34 7.14 27.40 -7.37
N GLY C 35 7.86 26.93 -8.39
CA GLY C 35 7.42 25.76 -9.14
C GLY C 35 7.19 24.58 -8.20
N SER C 36 8.14 24.37 -7.30
CA SER C 36 8.05 23.28 -6.33
C SER C 36 6.88 23.45 -5.38
N ARG C 37 6.80 24.73 -4.89
CA ARG C 37 5.60 24.85 -4.06
C ARG C 37 4.38 24.48 -4.90
N PHE C 38 4.21 25.10 -6.10
CA PHE C 38 3.08 24.90 -6.98
C PHE C 38 2.76 23.39 -7.06
N ILE C 39 3.76 22.59 -7.44
CA ILE C 39 3.57 21.15 -7.55
C ILE C 39 3.11 20.53 -6.26
N GLN C 40 3.71 20.96 -5.15
CA GLN C 40 3.36 20.46 -3.83
C GLN C 40 1.90 20.67 -3.48
N LEU C 41 1.34 21.82 -3.86
CA LEU C 41 -0.06 22.09 -3.54
C LEU C 41 -1.02 21.43 -4.52
N LYS C 42 -0.63 21.34 -5.79
CA LYS C 42 -1.48 20.71 -6.80
C LYS C 42 -1.57 19.22 -6.54
N LEU C 43 -0.50 18.65 -5.99
CA LEU C 43 -0.47 17.22 -5.68
C LEU C 43 -1.37 16.86 -4.52
N GLU C 44 -1.50 17.80 -3.59
CA GLU C 44 -2.28 17.59 -2.38
C GLU C 44 -3.77 17.34 -2.64
N ARG C 45 -4.28 17.80 -3.77
CA ARG C 45 -5.68 17.57 -4.09
C ARG C 45 -5.81 17.12 -5.54
N ALA C 46 -4.87 16.29 -5.98
CA ALA C 46 -4.89 15.78 -7.34
C ALA C 46 -5.32 14.32 -7.38
N THR C 47 -5.83 13.90 -8.53
CA THR C 47 -6.28 12.53 -8.73
C THR C 47 -5.08 11.60 -8.69
N PRO C 48 -5.31 10.27 -8.55
CA PRO C 48 -4.21 9.31 -8.52
C PRO C 48 -3.44 9.35 -9.84
N ALA C 49 -4.17 9.16 -10.94
CA ALA C 49 -3.58 9.18 -12.26
C ALA C 49 -2.73 10.44 -12.46
N GLU C 50 -3.24 11.58 -12.00
CA GLU C 50 -2.53 12.85 -12.12
C GLU C 50 -1.21 12.79 -11.38
N ARG C 51 -1.24 12.31 -10.15
CA ARG C 51 -0.03 12.21 -9.36
C ARG C 51 0.96 11.28 -10.09
N GLN C 52 0.42 10.27 -10.75
CA GLN C 52 1.25 9.31 -11.49
C GLN C 52 2.00 10.03 -12.62
N LEU C 53 1.30 10.92 -13.32
CA LEU C 53 1.89 11.71 -14.40
C LEU C 53 3.13 12.44 -13.90
N VAL C 54 3.00 13.06 -12.72
CA VAL C 54 4.10 13.78 -12.09
C VAL C 54 5.18 12.78 -11.62
N PHE C 55 4.75 11.71 -10.96
CA PHE C 55 5.68 10.71 -10.46
C PHE C 55 6.63 10.19 -11.53
N ASN C 56 6.10 9.99 -12.74
CA ASN C 56 6.91 9.49 -13.86
C ASN C 56 8.10 10.40 -14.17
N GLU C 57 7.87 11.70 -14.17
CA GLU C 57 8.91 12.66 -14.51
C GLU C 57 9.93 12.90 -13.40
N ILE C 58 9.71 12.38 -12.20
CA ILE C 58 10.64 12.58 -11.12
C ILE C 58 11.34 11.28 -10.67
N LEU C 59 10.92 10.16 -11.25
CA LEU C 59 11.47 8.87 -10.86
C LEU C 59 12.95 8.65 -11.21
N GLN C 60 13.29 8.78 -12.49
CA GLN C 60 14.66 8.55 -12.95
C GLN C 60 15.73 9.39 -12.28
N ALA C 61 15.57 10.70 -12.31
CA ALA C 61 16.54 11.59 -11.68
C ALA C 61 16.07 11.91 -10.24
N ALA C 62 15.40 10.94 -9.63
CA ALA C 62 14.86 11.08 -8.28
C ALA C 62 15.92 11.48 -7.23
N TYR C 63 17.10 10.88 -7.34
CA TYR C 63 18.19 11.18 -6.41
C TYR C 63 18.61 12.67 -6.45
N GLN C 64 18.53 13.28 -7.64
CA GLN C 64 18.90 14.68 -7.84
C GLN C 64 17.96 15.59 -7.06
N LEU C 65 16.69 15.24 -7.01
CA LEU C 65 15.72 16.02 -6.27
C LEU C 65 15.90 15.75 -4.78
N MET C 66 16.16 14.49 -4.43
CA MET C 66 16.35 14.12 -3.03
C MET C 66 17.39 14.98 -2.33
N VAL C 67 18.40 15.44 -3.08
CA VAL C 67 19.42 16.27 -2.47
C VAL C 67 19.30 17.73 -2.88
N ASP C 68 18.15 18.11 -3.43
CA ASP C 68 17.91 19.48 -3.88
C ASP C 68 17.12 20.28 -2.84
N VAL C 69 17.48 21.55 -2.67
CA VAL C 69 16.85 22.42 -1.69
C VAL C 69 15.34 22.55 -1.85
N PHE C 70 14.84 22.47 -3.09
CA PHE C 70 13.40 22.59 -3.33
C PHE C 70 12.73 21.27 -3.73
N GLY C 71 13.44 20.44 -4.42
CA GLY C 71 12.85 19.19 -4.77
C GLY C 71 12.74 18.22 -3.61
N ASN C 72 13.22 18.52 -2.42
CA ASN C 72 13.13 17.49 -1.37
C ASN C 72 11.77 17.43 -0.78
N TYR C 73 11.02 18.32 -1.26
CA TYR C 73 9.71 18.40 -0.81
C TYR C 73 8.83 17.54 -1.67
N VAL C 74 9.08 17.58 -2.99
CA VAL C 74 8.28 16.80 -3.93
C VAL C 74 8.36 15.30 -3.71
N ILE C 75 9.58 14.77 -3.56
CA ILE C 75 9.75 13.33 -3.31
C ILE C 75 9.03 12.95 -2.01
N GLN C 76 9.19 13.79 -0.98
CA GLN C 76 8.56 13.52 0.31
C GLN C 76 7.05 13.30 0.20
N LYS C 77 6.40 14.16 -0.55
CA LYS C 77 4.96 14.07 -0.74
C LYS C 77 4.58 12.65 -1.18
N PHE C 78 5.37 12.05 -2.07
CA PHE C 78 5.08 10.71 -2.55
C PHE C 78 5.24 9.64 -1.49
N PHE C 79 6.04 9.93 -0.47
CA PHE C 79 6.21 8.98 0.63
C PHE C 79 5.03 9.11 1.62
N GLU C 80 4.39 10.28 1.64
CA GLU C 80 3.26 10.53 2.55
C GLU C 80 1.89 10.13 2.00
N PHE C 81 1.61 10.50 0.75
CA PHE C 81 0.33 10.22 0.09
C PHE C 81 0.45 9.35 -1.18
N GLY C 82 1.64 8.82 -1.44
CA GLY C 82 1.83 8.01 -2.63
C GLY C 82 1.41 6.56 -2.50
N SER C 83 1.20 5.91 -3.65
CA SER C 83 0.81 4.50 -3.69
C SER C 83 1.99 3.63 -3.24
N LEU C 84 1.69 2.42 -2.79
CA LEU C 84 2.75 1.50 -2.35
C LEU C 84 3.87 1.40 -3.40
N GLU C 85 3.47 1.14 -4.64
CA GLU C 85 4.41 0.97 -5.75
C GLU C 85 5.33 2.17 -5.93
N GLN C 86 4.78 3.37 -5.87
CA GLN C 86 5.57 4.58 -6.01
C GLN C 86 6.63 4.65 -4.93
N LYS C 87 6.30 4.16 -3.74
CA LYS C 87 7.21 4.17 -2.62
C LYS C 87 8.33 3.15 -2.76
N LEU C 88 8.00 1.96 -3.25
CA LEU C 88 8.99 0.90 -3.41
C LEU C 88 9.99 1.32 -4.48
N ALA C 89 9.50 2.05 -5.48
CA ALA C 89 10.34 2.56 -6.56
C ALA C 89 11.30 3.62 -6.02
N LEU C 90 10.79 4.54 -5.23
CA LEU C 90 11.64 5.58 -4.64
C LEU C 90 12.66 4.94 -3.70
N ALA C 91 12.21 3.96 -2.92
CA ALA C 91 13.09 3.26 -2.01
C ALA C 91 14.17 2.58 -2.83
N GLU C 92 13.79 2.12 -4.03
CA GLU C 92 14.75 1.45 -4.90
C GLU C 92 15.78 2.46 -5.43
N ARG C 93 15.39 3.70 -5.63
CA ARG C 93 16.33 4.70 -6.11
C ARG C 93 17.24 5.16 -4.98
N ILE C 94 16.86 4.83 -3.75
CA ILE C 94 17.62 5.20 -2.56
C ILE C 94 18.69 4.17 -2.27
N ARG C 95 18.42 2.92 -2.64
CA ARG C 95 19.35 1.81 -2.43
C ARG C 95 20.77 2.18 -2.85
N GLY C 96 21.69 2.11 -1.89
CA GLY C 96 23.08 2.43 -2.18
C GLY C 96 23.49 3.87 -1.92
N HIS C 97 22.52 4.71 -1.53
CA HIS C 97 22.79 6.11 -1.27
C HIS C 97 22.39 6.46 0.15
N VAL C 98 21.84 5.49 0.86
CA VAL C 98 21.38 5.70 2.21
C VAL C 98 22.31 6.54 3.08
N LEU C 99 23.59 6.19 3.12
CA LEU C 99 24.52 6.91 3.97
C LEU C 99 24.75 8.35 3.53
N SER C 100 25.04 8.54 2.25
CA SER C 100 25.29 9.87 1.74
C SER C 100 24.09 10.76 1.99
N LEU C 101 22.89 10.24 1.72
CA LEU C 101 21.64 10.97 1.90
C LEU C 101 21.26 11.26 3.36
N ALA C 102 21.67 10.38 4.27
CA ALA C 102 21.39 10.54 5.71
C ALA C 102 22.22 11.68 6.30
N LEU C 103 23.33 11.99 5.66
CA LEU C 103 24.20 13.06 6.08
C LEU C 103 23.96 14.34 5.28
N GLN C 104 23.09 14.28 4.26
CA GLN C 104 22.84 15.46 3.44
C GLN C 104 21.76 16.38 3.99
N MET C 105 22.06 17.67 3.99
CA MET C 105 21.15 18.69 4.49
C MET C 105 19.68 18.47 4.09
N TYR C 106 19.45 18.02 2.86
CA TYR C 106 18.09 17.81 2.40
C TYR C 106 17.72 16.34 2.32
N GLY C 107 18.69 15.51 1.94
CA GLY C 107 18.43 14.09 1.81
C GLY C 107 17.98 13.44 3.10
N CYS C 108 18.59 13.85 4.22
CA CYS C 108 18.25 13.25 5.49
C CYS C 108 16.78 13.33 5.69
N ARG C 109 16.14 14.26 5.01
CA ARG C 109 14.71 14.33 5.31
C ARG C 109 14.03 13.18 4.69
N VAL C 110 14.31 13.15 3.43
CA VAL C 110 13.71 12.16 2.60
C VAL C 110 13.88 10.79 3.25
N ILE C 111 15.09 10.51 3.69
CA ILE C 111 15.37 9.23 4.35
C ILE C 111 14.44 9.05 5.56
N GLN C 112 14.28 10.10 6.37
CA GLN C 112 13.41 10.02 7.54
C GLN C 112 11.95 9.77 7.18
N LYS C 113 11.46 10.50 6.17
CA LYS C 113 10.07 10.37 5.74
C LYS C 113 9.81 8.97 5.18
N ALA C 114 10.83 8.42 4.54
CA ALA C 114 10.76 7.09 3.94
C ALA C 114 10.78 6.03 5.03
N LEU C 115 11.56 6.25 6.08
CA LEU C 115 11.63 5.28 7.17
C LEU C 115 10.30 5.19 7.89
N GLU C 116 9.52 6.26 7.82
CA GLU C 116 8.23 6.30 8.49
C GLU C 116 7.12 5.67 7.69
N PHE C 117 7.29 5.60 6.36
CA PHE C 117 6.23 5.07 5.52
C PHE C 117 6.41 3.83 4.68
N ILE C 118 7.62 3.27 4.61
CA ILE C 118 7.81 2.06 3.82
C ILE C 118 7.71 0.84 4.70
N PRO C 119 7.30 -0.30 4.13
CA PRO C 119 7.16 -1.57 4.87
C PRO C 119 8.42 -2.04 5.59
N SER C 120 8.23 -2.86 6.62
CA SER C 120 9.34 -3.38 7.41
C SER C 120 10.49 -3.98 6.58
N ASP C 121 10.16 -4.79 5.58
CA ASP C 121 11.19 -5.40 4.74
C ASP C 121 12.08 -4.37 4.04
N GLN C 122 11.47 -3.31 3.53
CA GLN C 122 12.22 -2.27 2.86
C GLN C 122 12.92 -1.36 3.86
N GLN C 123 12.43 -1.35 5.10
CA GLN C 123 13.07 -0.54 6.13
C GLN C 123 14.36 -1.25 6.51
N ASN C 124 14.27 -2.57 6.68
CA ASN C 124 15.42 -3.37 7.07
C ASN C 124 16.53 -3.31 6.03
N GLU C 125 16.15 -3.17 4.76
CA GLU C 125 17.12 -3.07 3.68
C GLU C 125 17.85 -1.75 3.78
N MET C 126 17.08 -0.69 4.02
CA MET C 126 17.60 0.67 4.10
C MET C 126 18.54 0.88 5.28
N VAL C 127 18.20 0.27 6.40
CA VAL C 127 18.96 0.38 7.62
C VAL C 127 20.33 -0.30 7.57
N ARG C 128 20.45 -1.37 6.78
CA ARG C 128 21.73 -2.09 6.68
C ARG C 128 22.86 -1.23 6.12
N GLU C 129 22.55 -0.41 5.13
CA GLU C 129 23.55 0.45 4.52
C GLU C 129 24.27 1.37 5.53
N LEU C 130 23.71 1.51 6.73
CA LEU C 130 24.29 2.36 7.76
C LEU C 130 25.28 1.62 8.68
N ASP C 131 25.18 0.28 8.70
CA ASP C 131 26.06 -0.54 9.55
C ASP C 131 27.55 -0.27 9.29
N GLY C 132 28.27 0.08 10.35
CA GLY C 132 29.67 0.40 10.23
C GLY C 132 29.86 1.92 10.16
N HIS C 133 28.76 2.66 10.13
CA HIS C 133 28.83 4.12 10.07
C HIS C 133 27.92 4.78 11.11
N VAL C 134 27.52 4.01 12.13
CA VAL C 134 26.62 4.55 13.14
C VAL C 134 27.11 5.75 13.95
N LEU C 135 28.35 5.72 14.43
CA LEU C 135 28.88 6.82 15.22
C LEU C 135 29.02 8.09 14.37
N LYS C 136 29.50 7.95 13.15
CA LYS C 136 29.66 9.08 12.27
C LYS C 136 28.31 9.77 12.06
N CYS C 137 27.25 8.96 11.99
CA CYS C 137 25.90 9.49 11.81
C CYS C 137 25.43 10.20 13.06
N VAL C 138 25.63 9.58 14.21
CA VAL C 138 25.21 10.17 15.47
C VAL C 138 25.84 11.55 15.70
N LYS C 139 27.10 11.67 15.34
CA LYS C 139 27.84 12.91 15.51
C LYS C 139 27.63 13.92 14.39
N ASP C 140 26.76 13.58 13.43
CA ASP C 140 26.49 14.48 12.33
C ASP C 140 25.22 15.26 12.64
N GLN C 141 25.19 16.54 12.29
CA GLN C 141 24.02 17.34 12.58
C GLN C 141 22.77 16.86 11.85
N ASN C 142 22.96 16.21 10.70
CA ASN C 142 21.83 15.68 9.95
C ASN C 142 21.65 14.20 10.31
N GLY C 143 22.76 13.46 10.32
CA GLY C 143 22.69 12.04 10.62
C GLY C 143 22.10 11.61 11.95
N ASN C 144 22.32 12.39 13.01
CA ASN C 144 21.79 12.01 14.31
C ASN C 144 20.27 11.85 14.26
N HIS C 145 19.60 12.65 13.44
CA HIS C 145 18.13 12.58 13.29
C HIS C 145 17.70 11.33 12.54
N VAL C 146 18.48 10.90 11.57
CA VAL C 146 18.13 9.69 10.84
C VAL C 146 18.17 8.44 11.74
N VAL C 147 19.31 8.25 12.46
CA VAL C 147 19.66 7.15 13.41
C VAL C 147 18.57 6.93 14.43
N GLN C 148 18.01 8.11 14.66
CA GLN C 148 16.95 8.42 15.61
C GLN C 148 15.63 8.01 15.08
N LYS C 149 15.40 8.21 13.79
CA LYS C 149 14.13 7.82 13.23
C LYS C 149 14.07 6.31 13.06
N CYS C 150 15.23 5.75 12.75
CA CYS C 150 15.31 4.30 12.61
C CYS C 150 14.82 3.66 13.87
N ILE C 151 15.38 4.12 14.99
CA ILE C 151 15.02 3.56 16.28
C ILE C 151 13.52 3.67 16.59
N GLU C 152 12.88 4.73 16.11
CA GLU C 152 11.46 4.91 16.36
C GLU C 152 10.51 4.18 15.41
N CYS C 153 10.89 3.98 14.17
CA CYS C 153 10.01 3.33 13.20
C CYS C 153 10.36 1.90 12.81
N VAL C 154 11.64 1.57 12.85
CA VAL C 154 12.12 0.25 12.45
C VAL C 154 12.11 -0.79 13.57
N GLN C 155 11.78 -2.02 13.21
CA GLN C 155 11.75 -3.14 14.17
C GLN C 155 13.09 -3.25 14.91
N PRO C 156 13.05 -3.27 16.25
CA PRO C 156 14.22 -3.36 17.14
C PRO C 156 15.29 -4.39 16.81
N GLN C 157 14.87 -5.59 16.38
CA GLN C 157 15.83 -6.64 16.04
C GLN C 157 16.65 -6.36 14.78
N SER C 158 16.30 -5.27 14.09
CA SER C 158 17.02 -4.89 12.88
C SER C 158 18.06 -3.84 13.25
N LEU C 159 17.89 -3.26 14.44
CA LEU C 159 18.79 -2.23 14.93
C LEU C 159 19.87 -2.76 15.86
N GLN C 160 20.09 -4.07 15.85
CA GLN C 160 21.12 -4.64 16.72
C GLN C 160 22.51 -4.04 16.44
N PHE C 161 22.79 -3.68 15.19
CA PHE C 161 24.09 -3.11 14.88
C PHE C 161 24.28 -1.74 15.55
N ILE C 162 23.17 -1.10 15.93
CA ILE C 162 23.25 0.19 16.60
C ILE C 162 23.76 -0.03 18.02
N ILE C 163 23.16 -1.00 18.70
CA ILE C 163 23.56 -1.34 20.07
C ILE C 163 25.06 -1.66 20.08
N ASP C 164 25.48 -2.61 19.24
CA ASP C 164 26.90 -3.00 19.14
C ASP C 164 27.81 -1.80 18.89
N ALA C 165 27.35 -0.86 18.06
CA ALA C 165 28.16 0.30 17.75
C ALA C 165 28.40 1.14 19.00
N PHE C 166 27.48 1.06 19.96
CA PHE C 166 27.64 1.83 21.18
C PHE C 166 28.55 1.17 22.23
N LYS C 167 29.02 -0.04 21.94
CA LYS C 167 29.89 -0.80 22.84
C LYS C 167 31.09 0.04 23.28
N GLY C 168 31.11 0.38 24.57
CA GLY C 168 32.19 1.19 25.12
C GLY C 168 32.18 2.64 24.66
N GLN C 169 31.00 3.14 24.28
CA GLN C 169 30.84 4.50 23.79
C GLN C 169 29.71 5.25 24.50
N VAL C 170 28.95 4.57 25.35
CA VAL C 170 27.84 5.19 26.04
C VAL C 170 28.18 6.45 26.83
N PHE C 171 29.31 6.43 27.51
CA PHE C 171 29.76 7.57 28.31
C PHE C 171 30.16 8.72 27.39
N ALA C 172 30.98 8.39 26.40
CA ALA C 172 31.43 9.39 25.43
C ALA C 172 30.24 10.02 24.70
N LEU C 173 29.24 9.21 24.37
CA LEU C 173 28.08 9.71 23.64
C LEU C 173 27.00 10.35 24.52
N SER C 174 27.01 10.07 25.81
CA SER C 174 26.03 10.69 26.70
C SER C 174 26.43 12.15 26.95
N THR C 175 27.72 12.47 26.81
CA THR C 175 28.18 13.84 27.03
C THR C 175 28.34 14.55 25.69
N HIS C 176 27.67 14.01 24.69
CA HIS C 176 27.68 14.58 23.34
C HIS C 176 26.27 15.18 23.08
N PRO C 177 26.21 16.34 22.41
CA PRO C 177 24.92 16.98 22.13
C PRO C 177 23.89 16.10 21.41
N TYR C 178 24.29 15.39 20.37
CA TYR C 178 23.36 14.54 19.62
C TYR C 178 23.31 13.13 20.20
N GLY C 179 24.47 12.64 20.62
CA GLY C 179 24.57 11.30 21.21
C GLY C 179 23.61 11.00 22.37
N CYS C 180 23.33 12.00 23.23
CA CYS C 180 22.42 11.82 24.36
C CYS C 180 21.00 11.69 23.88
N ARG C 181 20.57 12.58 22.94
CA ARG C 181 19.22 12.42 22.35
C ARG C 181 19.06 10.96 21.80
N VAL C 182 20.06 10.35 21.00
CA VAL C 182 20.01 8.95 20.41
C VAL C 182 19.93 7.86 21.49
N ILE C 183 20.73 7.99 22.49
CA ILE C 183 20.71 7.07 23.59
C ILE C 183 19.33 7.03 24.30
N GLN C 184 18.66 8.20 24.49
CA GLN C 184 17.36 8.20 25.13
C GLN C 184 16.34 7.47 24.27
N ARG C 185 16.51 7.50 22.90
CA ARG C 185 15.60 6.82 21.97
C ARG C 185 15.78 5.33 22.19
N ILE C 186 17.03 4.91 22.26
CA ILE C 186 17.39 3.52 22.49
C ILE C 186 16.73 2.98 23.75
N LEU C 187 16.80 3.78 24.81
CA LEU C 187 16.22 3.40 26.08
C LEU C 187 14.70 3.32 25.98
N GLU C 188 14.12 4.13 25.09
CA GLU C 188 12.65 4.14 24.91
C GLU C 188 12.14 3.05 23.97
N HIS C 189 12.91 2.74 22.93
CA HIS C 189 12.46 1.79 21.92
C HIS C 189 13.11 0.42 21.80
N CYS C 190 14.40 0.32 22.06
CA CYS C 190 15.05 -0.96 21.91
C CYS C 190 14.63 -1.98 22.97
N LEU C 191 14.74 -3.26 22.62
CA LEU C 191 14.33 -4.37 23.49
C LEU C 191 15.09 -4.50 24.82
N PRO C 192 14.50 -5.25 25.78
CA PRO C 192 15.12 -5.48 27.09
C PRO C 192 16.53 -6.05 26.96
N ASP C 193 16.70 -7.09 26.15
CA ASP C 193 18.03 -7.66 25.98
C ASP C 193 19.00 -6.65 25.37
N GLN C 194 18.51 -5.73 24.56
CA GLN C 194 19.36 -4.75 23.93
C GLN C 194 19.73 -3.55 24.83
N THR C 195 18.81 -3.13 25.69
CA THR C 195 19.05 -1.99 26.57
C THR C 195 19.97 -2.27 27.74
N LEU C 196 20.05 -3.54 28.11
CA LEU C 196 20.87 -3.95 29.24
C LEU C 196 22.34 -3.53 29.11
N PRO C 197 23.02 -3.90 28.01
CA PRO C 197 24.43 -3.50 27.89
C PRO C 197 24.65 -1.98 27.84
N ILE C 198 23.59 -1.23 27.55
CA ILE C 198 23.71 0.22 27.50
C ILE C 198 23.61 0.72 28.93
N LEU C 199 22.60 0.26 29.65
CA LEU C 199 22.41 0.65 31.04
C LEU C 199 23.62 0.29 31.90
N GLU C 200 24.25 -0.84 31.57
CA GLU C 200 25.42 -1.29 32.33
C GLU C 200 26.54 -0.25 32.27
N GLU C 201 26.77 0.32 31.10
CA GLU C 201 27.80 1.33 30.92
C GLU C 201 27.45 2.68 31.53
N LEU C 202 26.15 2.98 31.57
CA LEU C 202 25.69 4.24 32.15
C LEU C 202 25.96 4.18 33.66
N HIS C 203 25.56 3.09 34.30
CA HIS C 203 25.75 2.94 35.73
C HIS C 203 27.23 3.13 36.08
N GLN C 204 28.13 2.57 35.27
CA GLN C 204 29.56 2.70 35.52
C GLN C 204 30.00 4.17 35.58
N HIS C 205 29.33 5.05 34.85
CA HIS C 205 29.70 6.45 34.83
C HIS C 205 28.65 7.38 35.44
N THR C 206 27.61 6.78 35.99
CA THR C 206 26.48 7.50 36.57
C THR C 206 26.78 8.78 37.37
N GLU C 207 27.93 8.83 38.03
CA GLU C 207 28.30 9.99 38.84
C GLU C 207 28.76 11.18 38.03
N GLN C 208 29.54 10.91 36.99
CA GLN C 208 30.05 11.95 36.11
C GLN C 208 28.93 12.46 35.19
N LEU C 209 27.96 11.60 34.92
CA LEU C 209 26.86 11.97 34.04
C LEU C 209 25.80 12.88 34.66
N VAL C 210 25.55 12.77 35.96
CA VAL C 210 24.54 13.64 36.54
C VAL C 210 25.02 15.10 36.51
N GLN C 211 26.32 15.29 36.39
CA GLN C 211 26.89 16.64 36.39
C GLN C 211 27.22 17.21 35.01
N ASP C 212 26.86 16.48 33.96
CA ASP C 212 27.13 16.93 32.60
C ASP C 212 25.92 17.64 32.05
N GLN C 213 26.18 18.59 31.16
CA GLN C 213 25.12 19.38 30.55
C GLN C 213 24.15 18.53 29.76
N TYR C 214 24.56 17.31 29.40
CA TYR C 214 23.72 16.41 28.62
C TYR C 214 23.44 15.12 29.37
N GLY C 215 24.49 14.58 29.99
CA GLY C 215 24.42 13.32 30.73
C GLY C 215 23.31 13.30 31.78
N ASN C 216 23.02 14.45 32.37
CA ASN C 216 22.01 14.50 33.42
C ASN C 216 20.62 14.24 32.85
N TYR C 217 20.45 14.42 31.54
CA TYR C 217 19.17 14.18 30.88
C TYR C 217 18.96 12.67 30.61
N VAL C 218 20.06 11.94 30.44
CA VAL C 218 20.01 10.50 30.19
C VAL C 218 19.65 9.76 31.48
N ILE C 219 20.27 10.17 32.59
CA ILE C 219 20.00 9.58 33.88
C ILE C 219 18.57 9.90 34.34
N GLN C 220 18.11 11.12 34.07
CA GLN C 220 16.75 11.50 34.45
C GLN C 220 15.76 10.58 33.74
N HIS C 221 16.04 10.26 32.48
CA HIS C 221 15.17 9.39 31.70
C HIS C 221 15.07 7.97 32.28
N VAL C 222 16.18 7.45 32.80
CA VAL C 222 16.17 6.13 33.40
C VAL C 222 15.18 6.13 34.57
N LEU C 223 15.26 7.19 35.36
CA LEU C 223 14.41 7.36 36.53
C LEU C 223 12.94 7.52 36.23
N GLU C 224 12.64 8.19 35.12
CA GLU C 224 11.27 8.44 34.70
C GLU C 224 10.64 7.29 33.96
N HIS C 225 11.45 6.47 33.31
CA HIS C 225 10.90 5.40 32.52
C HIS C 225 11.58 4.04 32.66
N GLY C 226 12.54 3.92 33.56
CA GLY C 226 13.25 2.66 33.68
C GLY C 226 12.70 1.63 34.65
N ARG C 227 13.41 0.50 34.72
CA ARG C 227 13.05 -0.61 35.60
C ARG C 227 13.47 -0.22 37.01
N PRO C 228 12.70 -0.64 38.03
CA PRO C 228 13.04 -0.31 39.41
C PRO C 228 14.50 -0.62 39.75
N GLU C 229 14.99 -1.79 39.33
CA GLU C 229 16.37 -2.17 39.64
C GLU C 229 17.36 -1.13 39.12
N ASP C 230 17.00 -0.50 38.01
CA ASP C 230 17.84 0.53 37.40
C ASP C 230 17.78 1.79 38.25
N LYS C 231 16.56 2.22 38.57
CA LYS C 231 16.37 3.39 39.39
C LYS C 231 17.19 3.22 40.68
N SER C 232 17.05 2.05 41.31
CA SER C 232 17.77 1.76 42.56
C SER C 232 19.25 2.07 42.47
N LYS C 233 19.89 1.64 41.40
CA LYS C 233 21.31 1.90 41.20
C LYS C 233 21.58 3.40 41.23
N ILE C 234 20.85 4.16 40.44
CA ILE C 234 21.05 5.59 40.40
C ILE C 234 20.90 6.24 41.77
N VAL C 235 19.78 6.00 42.45
CA VAL C 235 19.58 6.60 43.76
C VAL C 235 20.73 6.25 44.71
N ALA C 236 21.30 5.07 44.54
CA ALA C 236 22.41 4.62 45.39
C ALA C 236 23.68 5.40 45.12
N GLU C 237 23.79 5.95 43.92
CA GLU C 237 24.97 6.71 43.54
C GLU C 237 24.80 8.15 43.99
N ILE C 238 23.54 8.54 44.21
CA ILE C 238 23.18 9.88 44.64
C ILE C 238 23.26 10.00 46.17
N ARG C 239 23.00 8.90 46.86
CA ARG C 239 23.03 8.92 48.32
C ARG C 239 24.40 9.30 48.88
N GLY C 240 24.38 10.15 49.90
CA GLY C 240 25.61 10.63 50.51
C GLY C 240 25.97 11.98 49.90
N ASN C 241 25.29 12.36 48.83
CA ASN C 241 25.57 13.63 48.14
C ASN C 241 24.32 14.46 47.85
N VAL C 242 23.18 14.07 48.41
CA VAL C 242 21.92 14.79 48.17
C VAL C 242 22.08 16.31 48.28
N LEU C 243 22.68 16.77 49.38
CA LEU C 243 22.86 18.19 49.63
C LEU C 243 23.63 19.00 48.59
N VAL C 244 24.76 18.47 48.12
CA VAL C 244 25.59 19.17 47.14
C VAL C 244 25.04 19.03 45.72
N LEU C 245 24.61 17.83 45.35
CA LEU C 245 24.09 17.63 44.02
C LEU C 245 22.79 18.40 43.83
N SER C 246 22.10 18.67 44.95
CA SER C 246 20.85 19.43 44.91
C SER C 246 21.07 20.86 44.48
N GLN C 247 22.27 21.37 44.72
CA GLN C 247 22.59 22.75 44.37
C GLN C 247 23.32 22.88 43.06
N HIS C 248 23.59 21.77 42.44
CA HIS C 248 24.27 21.72 41.15
C HIS C 248 23.27 22.04 40.06
N LYS C 249 23.67 22.86 39.08
CA LYS C 249 22.73 23.27 38.01
C LYS C 249 22.22 22.10 37.20
N PHE C 250 23.07 21.09 37.10
CA PHE C 250 22.69 19.94 36.32
C PHE C 250 22.25 18.73 37.14
N ALA C 251 22.99 18.36 38.17
CA ALA C 251 22.64 17.16 38.91
C ALA C 251 21.34 17.34 39.73
N SER C 252 21.04 18.56 40.15
CA SER C 252 19.86 18.82 40.97
C SER C 252 18.58 18.26 40.36
N ASN C 253 18.52 18.22 39.04
CA ASN C 253 17.35 17.71 38.35
C ASN C 253 17.24 16.22 38.52
N VAL C 254 18.38 15.56 38.65
CA VAL C 254 18.36 14.12 38.83
C VAL C 254 17.88 13.80 40.23
N VAL C 255 18.45 14.45 41.23
CA VAL C 255 18.03 14.15 42.60
C VAL C 255 16.54 14.45 42.73
N GLU C 256 16.05 15.39 41.94
CA GLU C 256 14.62 15.73 41.93
C GLU C 256 13.86 14.47 41.50
N LYS C 257 14.23 13.92 40.35
CA LYS C 257 13.58 12.73 39.83
C LYS C 257 13.75 11.51 40.74
N CYS C 258 14.84 11.47 41.50
CA CYS C 258 15.10 10.37 42.43
C CYS C 258 14.07 10.38 43.56
N VAL C 259 13.84 11.56 44.11
CA VAL C 259 12.90 11.76 45.20
C VAL C 259 11.48 11.47 44.73
N THR C 260 11.27 11.61 43.43
CA THR C 260 9.96 11.40 42.82
C THR C 260 9.70 9.99 42.31
N HIS C 261 10.75 9.31 41.83
CA HIS C 261 10.60 7.97 41.25
C HIS C 261 11.18 6.78 42.05
N ALA C 262 12.09 7.01 42.99
CA ALA C 262 12.67 5.90 43.77
C ALA C 262 11.57 5.14 44.51
N SER C 263 11.95 4.06 45.19
CA SER C 263 10.98 3.24 45.91
C SER C 263 10.59 3.81 47.23
N ARG C 264 9.40 3.54 47.68
CA ARG C 264 9.16 4.09 48.99
C ARG C 264 10.45 4.28 49.76
N THR C 265 10.90 3.14 50.35
CA THR C 265 12.06 2.97 51.26
C THR C 265 13.24 3.87 50.90
N GLU C 266 13.53 3.97 49.61
CA GLU C 266 14.62 4.82 49.12
C GLU C 266 14.27 6.29 49.28
N ARG C 267 13.03 6.63 48.99
CA ARG C 267 12.52 7.99 49.11
C ARG C 267 12.64 8.48 50.55
N ALA C 268 12.39 7.58 51.51
CA ALA C 268 12.48 7.91 52.92
C ALA C 268 13.94 8.10 53.36
N VAL C 269 14.86 7.40 52.69
CA VAL C 269 16.27 7.51 53.04
C VAL C 269 16.93 8.76 52.47
N LEU C 270 16.31 9.37 51.47
CA LEU C 270 16.86 10.58 50.87
C LEU C 270 16.42 11.77 51.72
N ILE C 271 15.22 11.66 52.26
CA ILE C 271 14.67 12.72 53.10
C ILE C 271 15.42 12.66 54.43
N ASP C 272 15.67 11.46 54.90
CA ASP C 272 16.38 11.27 56.17
C ASP C 272 17.82 11.81 56.12
N GLU C 273 18.46 11.73 54.95
CA GLU C 273 19.83 12.23 54.81
C GLU C 273 19.88 13.75 55.00
N VAL C 274 19.05 14.48 54.27
CA VAL C 274 19.04 15.93 54.38
C VAL C 274 18.48 16.40 55.72
N CYS C 275 17.61 15.59 56.32
CA CYS C 275 17.02 15.91 57.62
C CYS C 275 17.99 15.71 58.77
N THR C 276 18.59 14.53 58.80
CA THR C 276 19.52 14.15 59.85
C THR C 276 20.92 14.72 59.61
N MET C 277 21.03 15.59 58.61
CA MET C 277 22.31 16.19 58.31
C MET C 277 22.22 17.68 58.49
N ASN C 278 23.41 18.36 58.57
CA ASN C 278 23.67 19.79 58.78
C ASN C 278 24.68 20.32 57.79
N ASP C 279 24.47 21.53 57.41
CA ASP C 279 25.38 22.17 56.57
C ASP C 279 26.07 23.09 57.48
N GLY C 280 26.88 23.95 56.93
CA GLY C 280 27.58 24.83 57.82
C GLY C 280 27.11 24.68 59.26
N PRO C 281 27.24 25.82 59.95
CA PRO C 281 26.77 26.02 61.27
C PRO C 281 25.26 26.14 61.12
N HIS C 282 24.76 25.75 59.97
CA HIS C 282 23.30 25.79 59.74
C HIS C 282 22.69 24.50 59.20
N SER C 283 21.33 24.32 59.35
CA SER C 283 20.55 23.10 58.93
C SER C 283 20.69 22.79 57.46
N ALA C 284 20.67 21.49 57.09
CA ALA C 284 20.86 21.13 55.69
C ALA C 284 19.66 21.63 54.87
N LEU C 285 18.46 21.51 55.43
CA LEU C 285 17.24 21.97 54.75
C LEU C 285 17.29 23.47 54.59
N TYR C 286 17.99 24.14 55.49
CA TYR C 286 18.09 25.59 55.44
C TYR C 286 18.76 26.03 54.16
N THR C 287 19.80 25.31 53.77
CA THR C 287 20.54 25.65 52.55
C THR C 287 19.70 25.38 51.31
N MET C 288 19.05 24.22 51.27
CA MET C 288 18.25 23.78 50.13
C MET C 288 16.99 24.60 49.85
N MET C 289 16.27 24.98 50.89
CA MET C 289 15.05 25.73 50.72
C MET C 289 15.21 27.10 50.07
N LYS C 290 16.34 27.75 50.28
CA LYS C 290 16.59 29.09 49.72
C LYS C 290 17.51 29.07 48.50
N ASP C 291 17.79 27.87 47.99
CA ASP C 291 18.69 27.74 46.86
C ASP C 291 17.99 27.68 45.50
N GLN C 292 18.55 28.41 44.55
CA GLN C 292 18.07 28.46 43.17
C GLN C 292 17.67 27.09 42.61
N TYR C 293 18.47 26.06 42.84
CA TYR C 293 18.16 24.74 42.30
C TYR C 293 17.67 23.70 43.30
N ALA C 294 18.23 23.73 44.50
CA ALA C 294 17.84 22.75 45.50
C ALA C 294 16.42 22.91 46.02
N ASN C 295 15.88 24.12 45.95
CA ASN C 295 14.53 24.35 46.48
C ASN C 295 13.49 23.44 45.85
N TYR C 296 13.73 22.98 44.63
CA TYR C 296 12.75 22.09 43.98
C TYR C 296 12.80 20.70 44.61
N VAL C 297 13.98 20.27 45.05
CA VAL C 297 14.15 18.96 45.67
C VAL C 297 13.42 18.88 47.01
N VAL C 298 13.41 19.99 47.74
CA VAL C 298 12.73 20.05 49.02
C VAL C 298 11.21 19.97 48.77
N GLN C 299 10.75 20.61 47.69
CA GLN C 299 9.32 20.59 47.34
C GLN C 299 8.91 19.15 47.05
N LYS C 300 9.78 18.48 46.32
CA LYS C 300 9.56 17.09 45.95
C LYS C 300 9.53 16.24 47.22
N MET C 301 10.42 16.55 48.15
CA MET C 301 10.49 15.81 49.40
C MET C 301 9.24 16.00 50.24
N ILE C 302 8.75 17.23 50.35
CA ILE C 302 7.55 17.49 51.14
C ILE C 302 6.36 16.67 50.61
N ASP C 303 6.19 16.64 49.29
CA ASP C 303 5.10 15.88 48.68
C ASP C 303 5.20 14.38 48.97
N VAL C 304 6.27 13.74 48.49
CA VAL C 304 6.42 12.31 48.69
C VAL C 304 6.73 11.85 50.12
N ALA C 305 7.22 12.71 51.03
CA ALA C 305 7.56 12.27 52.43
C ALA C 305 6.36 11.65 53.19
N GLU C 306 6.48 10.60 54.04
CA GLU C 306 5.29 10.00 54.73
C GLU C 306 5.10 10.46 56.19
N PRO C 307 3.85 10.96 56.53
CA PRO C 307 3.44 11.57 57.84
C PRO C 307 4.57 11.87 58.82
N GLY C 308 5.11 10.82 59.42
CA GLY C 308 6.18 10.96 60.39
C GLY C 308 7.34 11.72 59.79
N GLN C 309 7.79 11.30 58.61
CA GLN C 309 8.91 11.94 57.93
C GLN C 309 8.56 13.38 57.50
N ARG C 310 7.37 13.57 56.97
CA ARG C 310 6.95 14.89 56.56
C ARG C 310 6.89 15.96 57.66
N LYS C 311 6.66 15.63 58.92
CA LYS C 311 6.55 16.68 59.91
C LYS C 311 7.93 16.97 60.35
N ILE C 312 8.69 15.98 60.34
CA ILE C 312 9.98 16.21 60.72
C ILE C 312 10.48 17.37 59.86
N VAL C 313 10.34 17.23 58.54
CA VAL C 313 10.89 18.23 57.63
C VAL C 313 10.21 19.58 57.83
N MET C 314 8.93 19.59 58.20
CA MET C 314 8.21 20.83 58.48
C MET C 314 8.75 21.52 59.82
N HIS C 315 9.28 20.72 60.79
CA HIS C 315 9.87 21.13 62.07
C HIS C 315 11.30 21.63 61.79
N LYS C 316 11.79 21.27 60.62
CA LYS C 316 13.12 21.69 60.28
C LYS C 316 13.12 23.06 59.60
N ILE C 317 12.02 23.44 59.05
CA ILE C 317 11.90 24.61 58.21
C ILE C 317 11.21 25.78 58.90
N ARG C 318 10.31 25.36 59.77
CA ARG C 318 9.45 26.25 60.54
C ARG C 318 10.25 27.33 61.24
N PRO C 319 11.41 27.00 61.82
CA PRO C 319 12.22 28.02 62.51
C PRO C 319 12.84 29.08 61.60
N HIS C 320 12.64 28.94 60.29
CA HIS C 320 13.25 29.88 59.33
C HIS C 320 12.34 30.51 58.33
N ILE C 321 11.22 30.84 58.82
CA ILE C 321 10.23 31.38 57.94
C ILE C 321 10.58 32.75 57.48
N ALA C 322 10.69 33.59 58.48
CA ALA C 322 10.99 34.95 58.18
C ALA C 322 12.00 35.03 57.11
N THR C 323 12.97 34.14 57.23
CA THR C 323 13.96 34.15 56.15
C THR C 323 13.37 33.62 54.82
N LEU C 324 12.76 32.46 54.85
CA LEU C 324 12.14 31.85 53.69
C LEU C 324 11.22 32.79 52.89
N ARG C 325 10.46 33.62 53.62
CA ARG C 325 9.46 34.49 53.03
C ARG C 325 10.07 35.50 52.12
N LYS C 326 11.30 35.82 52.46
CA LYS C 326 11.80 36.79 51.54
C LYS C 326 12.58 36.18 50.41
N TYR C 327 12.38 34.90 50.10
CA TYR C 327 13.10 34.32 48.97
C TYR C 327 12.14 33.85 47.95
N THR C 328 12.08 34.50 46.80
CA THR C 328 11.27 34.01 45.71
C THR C 328 11.71 32.46 45.37
N TYR C 329 13.06 32.03 45.52
CA TYR C 329 13.55 30.59 45.33
C TYR C 329 12.95 29.79 46.56
N GLY C 330 11.93 30.42 47.25
CA GLY C 330 11.28 29.90 48.49
C GLY C 330 9.77 30.06 48.68
N LYS C 331 9.08 30.65 47.75
CA LYS C 331 7.66 30.74 47.80
C LYS C 331 6.92 29.44 47.47
N HIS C 332 7.33 28.21 47.64
CA HIS C 332 6.40 27.14 47.22
C HIS C 332 6.52 26.20 48.32
N ILE C 333 7.68 26.26 48.91
CA ILE C 333 7.94 25.47 50.08
C ILE C 333 7.12 26.09 51.14
N LEU C 334 7.61 27.24 51.54
CA LEU C 334 6.80 28.00 52.46
C LEU C 334 5.32 27.63 52.30
N ALA C 335 4.74 27.84 51.10
CA ALA C 335 3.33 27.57 50.77
C ALA C 335 2.87 26.17 51.26
N LYS C 336 3.80 25.23 51.30
CA LYS C 336 3.48 23.86 51.74
C LYS C 336 3.26 23.79 53.20
N LEU C 337 4.24 24.39 53.78
CA LEU C 337 4.45 24.51 55.15
C LEU C 337 3.33 25.24 55.87
N GLU C 338 2.70 26.17 55.16
CA GLU C 338 1.57 26.81 55.73
C GLU C 338 0.38 25.77 55.72
N LYS C 339 0.10 25.01 54.59
CA LYS C 339 -1.02 24.02 54.46
C LYS C 339 -1.28 23.14 55.70
N TYR C 340 -0.52 23.34 56.81
CA TYR C 340 -0.83 22.49 57.95
C TYR C 340 -0.63 23.15 59.38
N TYR C 341 -0.30 24.45 59.41
CA TYR C 341 -0.16 25.31 60.58
C TYR C 341 -0.79 24.74 61.84
#